data_4PXB
#
_entry.id   4PXB
#
_cell.length_a   70.015
_cell.length_b   89.520
_cell.length_c   163.061
_cell.angle_alpha   90.000
_cell.angle_beta   90.000
_cell.angle_gamma   90.000
#
_symmetry.space_group_name_H-M   'P 21 21 21'
#
loop_
_entity.id
_entity.type
_entity.pdbx_description
1 polymer 'Ureidoglycolate hydrolase'
2 non-polymer 'MANGANESE (II) ION'
3 non-polymer '(2S)-(carbamoylamino)(hydroxy)ethanoic acid'
4 water water
#
_entity_poly.entity_id   1
_entity_poly.type   'polypeptide(L)'
_entity_poly.pdbx_seq_one_letter_code
;GHMFGSINLASSLSVDAPGLQNQIDELSSFSDAPSPSVTRVLYTDKDVSARRYVKNLMALAGLTVREDAVGNIFGKWDGL
EPNLPAVATGSHIDAIPYSGKYDGVVGVLGAIEAINVLKRSGFKPKRSLEIILFTSAEPTRFGISCLGSRLLAGSKELAE
ALKTTVVDGQNVSFIEAARSAGYAEDKDDDLSSVFLKKGSYFAFLELHIEQGPILEDEGLDIGVVTAIAAPASLKVEFEG
NGGHAGAVLMPYRNDAGLAAAELALAVEKHVLESESIDTVGTVGILELHPGAINSIPSKSHLEIDTRDIDEARRNTVIKK
IQESANTIAKKRKVKLSEFKIVNQDPPALSDKLVIKKMAEAATELNLSHKMMISRAYHDSLFMARISPMGMIFIPCYKGY
SHKPEEYSSPEDMANGVKVLSLTLAKLSLD
;
_entity_poly.pdbx_strand_id   A,B
#
# COMPACT_ATOMS: atom_id res chain seq x y z
N ASN A 8 -56.85 6.66 0.97
CA ASN A 8 -56.16 6.19 2.17
C ASN A 8 -54.71 6.69 2.24
N LEU A 9 -53.99 6.26 3.26
CA LEU A 9 -52.61 6.70 3.42
C LEU A 9 -51.76 6.29 2.21
N ALA A 10 -51.85 5.03 1.81
CA ALA A 10 -51.01 4.52 0.73
C ALA A 10 -51.14 5.32 -0.57
N SER A 11 -52.38 5.61 -0.97
CA SER A 11 -52.60 6.30 -2.24
C SER A 11 -52.15 7.76 -2.19
N SER A 12 -52.03 8.31 -0.99
CA SER A 12 -51.63 9.71 -0.82
C SER A 12 -50.11 9.91 -0.78
N LEU A 13 -49.36 8.83 -0.66
CA LEU A 13 -47.90 8.97 -0.53
C LEU A 13 -47.27 9.46 -1.84
N SER A 14 -46.46 10.51 -1.75
CA SER A 14 -45.87 11.15 -2.91
C SER A 14 -44.44 11.55 -2.58
N VAL A 15 -43.49 11.04 -3.35
CA VAL A 15 -42.07 11.28 -3.12
C VAL A 15 -41.58 12.29 -4.14
N ASP A 16 -40.74 13.22 -3.69
CA ASP A 16 -40.00 14.10 -4.58
C ASP A 16 -38.80 13.31 -5.13
N ALA A 17 -39.02 12.52 -6.18
CA ALA A 17 -37.95 11.67 -6.72
C ALA A 17 -36.72 12.46 -7.24
N PRO A 18 -36.93 13.51 -8.06
CA PRO A 18 -35.76 14.27 -8.52
C PRO A 18 -35.04 14.99 -7.39
N GLY A 19 -35.78 15.43 -6.38
CA GLY A 19 -35.16 16.10 -5.24
C GLY A 19 -34.30 15.14 -4.43
N LEU A 20 -34.82 13.94 -4.20
CA LEU A 20 -34.05 12.90 -3.54
C LEU A 20 -32.79 12.58 -4.34
N GLN A 21 -32.91 12.46 -5.65
CA GLN A 21 -31.74 12.25 -6.49
C GLN A 21 -30.73 13.39 -6.35
N ASN A 22 -31.22 14.62 -6.35
CA ASN A 22 -30.34 15.78 -6.16
C ASN A 22 -29.53 15.69 -4.85
N GLN A 23 -30.17 15.23 -3.77
CA GLN A 23 -29.48 15.11 -2.50
C GLN A 23 -28.44 13.98 -2.52
N ILE A 24 -28.75 12.89 -3.22
CA ILE A 24 -27.79 11.82 -3.42
C ILE A 24 -26.56 12.37 -4.12
N ASP A 25 -26.77 13.16 -5.17
CA ASP A 25 -25.66 13.72 -5.93
C ASP A 25 -24.84 14.71 -5.08
N GLU A 26 -25.53 15.56 -4.34
CA GLU A 26 -24.85 16.53 -3.48
C GLU A 26 -24.01 15.84 -2.41
N LEU A 27 -24.56 14.82 -1.77
CA LEU A 27 -23.83 14.12 -0.72
C LEU A 27 -22.57 13.47 -1.30
N SER A 28 -22.65 13.01 -2.55
CA SER A 28 -21.52 12.32 -3.18
C SER A 28 -20.34 13.26 -3.42
N SER A 29 -20.59 14.57 -3.38
CA SER A 29 -19.50 15.53 -3.52
C SER A 29 -18.55 15.54 -2.31
N PHE A 30 -19.02 15.07 -1.16
CA PHE A 30 -18.13 14.99 0.02
C PHE A 30 -17.29 13.71 -0.05
N SER A 31 -16.22 13.77 -0.82
CA SER A 31 -15.50 12.57 -1.21
C SER A 31 -14.02 12.86 -1.38
N ASP A 32 -13.20 11.91 -0.95
CA ASP A 32 -11.76 11.97 -1.17
C ASP A 32 -11.38 11.38 -2.52
N ALA A 33 -12.37 10.84 -3.23
CA ALA A 33 -12.11 10.35 -4.58
C ALA A 33 -12.91 11.19 -5.56
N PRO A 34 -12.35 11.40 -6.76
CA PRO A 34 -13.05 12.22 -7.74
C PRO A 34 -14.27 11.49 -8.32
N SER A 35 -15.35 12.22 -8.54
CA SER A 35 -16.53 11.69 -9.18
C SER A 35 -16.15 10.92 -10.45
N PRO A 36 -16.86 9.81 -10.74
CA PRO A 36 -18.09 9.33 -10.08
C PRO A 36 -17.83 8.43 -8.86
N SER A 37 -16.58 8.22 -8.48
CA SER A 37 -16.29 7.42 -7.31
C SER A 37 -16.49 8.21 -6.02
N VAL A 38 -16.76 7.48 -4.95
CA VAL A 38 -16.87 8.09 -3.63
C VAL A 38 -15.91 7.40 -2.67
N THR A 39 -15.18 8.19 -1.88
CA THR A 39 -14.46 7.67 -0.72
C THR A 39 -14.79 8.59 0.44
N ARG A 40 -15.36 8.02 1.50
CA ARG A 40 -15.68 8.84 2.67
C ARG A 40 -15.52 8.04 3.94
N VAL A 41 -14.43 8.30 4.65
CA VAL A 41 -14.03 7.47 5.77
C VAL A 41 -14.38 8.12 7.10
N LEU A 42 -14.84 7.28 8.03
CA LEU A 42 -15.20 7.68 9.41
C LEU A 42 -14.29 8.75 10.02
N TYR A 43 -14.91 9.83 10.48
CA TYR A 43 -14.27 10.92 11.21
C TYR A 43 -13.32 11.82 10.39
N THR A 44 -13.16 11.56 9.10
CA THR A 44 -12.38 12.47 8.26
C THR A 44 -13.16 13.75 8.00
N ASP A 45 -12.51 14.74 7.39
CA ASP A 45 -13.18 16.01 7.08
C ASP A 45 -14.40 15.81 6.17
N LYS A 46 -14.28 14.89 5.21
CA LYS A 46 -15.40 14.60 4.30
C LYS A 46 -16.59 14.00 5.05
N ASP A 47 -16.31 13.17 6.04
CA ASP A 47 -17.36 12.55 6.85
C ASP A 47 -18.07 13.64 7.66
N VAL A 48 -17.30 14.52 8.29
CA VAL A 48 -17.86 15.64 9.04
C VAL A 48 -18.79 16.49 8.17
N SER A 49 -18.34 16.83 6.96
CA SER A 49 -19.14 17.63 6.03
C SER A 49 -20.47 16.95 5.70
N ALA A 50 -20.41 15.64 5.48
CA ALA A 50 -21.59 14.85 5.13
C ALA A 50 -22.54 14.73 6.32
N ARG A 51 -21.99 14.58 7.53
CA ARG A 51 -22.80 14.55 8.74
C ARG A 51 -23.59 15.83 8.88
N ARG A 52 -22.95 16.94 8.57
CA ARG A 52 -23.57 18.26 8.74
C ARG A 52 -24.70 18.43 7.73
N TYR A 53 -24.47 17.95 6.51
CA TYR A 53 -25.47 17.96 5.47
C TYR A 53 -26.72 17.18 5.92
N VAL A 54 -26.52 15.99 6.47
CA VAL A 54 -27.64 15.17 6.92
C VAL A 54 -28.36 15.76 8.12
N LYS A 55 -27.60 16.30 9.08
CA LYS A 55 -28.21 16.93 10.24
C LYS A 55 -29.06 18.14 9.85
N ASN A 56 -28.58 18.89 8.85
CA ASN A 56 -29.35 20.01 8.30
C ASN A 56 -30.69 19.55 7.73
N LEU A 57 -30.66 18.46 6.96
CA LEU A 57 -31.89 17.89 6.42
C LEU A 57 -32.83 17.38 7.50
N MET A 58 -32.29 16.75 8.54
CA MET A 58 -33.11 16.29 9.66
C MET A 58 -33.81 17.47 10.35
N ALA A 59 -33.07 18.54 10.62
CA ALA A 59 -33.64 19.74 11.20
C ALA A 59 -34.72 20.34 10.30
N LEU A 60 -34.50 20.31 8.98
CA LEU A 60 -35.48 20.86 8.04
C LEU A 60 -36.77 20.04 8.05
N ALA A 61 -36.66 18.75 8.37
CA ALA A 61 -37.83 17.87 8.43
C ALA A 61 -38.51 17.94 9.80
N GLY A 62 -38.01 18.80 10.68
CA GLY A 62 -38.64 19.04 11.97
C GLY A 62 -38.30 18.01 13.03
N LEU A 63 -37.21 17.27 12.83
CA LEU A 63 -36.83 16.21 13.75
C LEU A 63 -35.99 16.74 14.91
N THR A 64 -36.19 16.17 16.10
CA THR A 64 -35.30 16.44 17.23
C THR A 64 -34.00 15.71 17.01
N VAL A 65 -32.90 16.45 16.90
CA VAL A 65 -31.60 15.89 16.53
C VAL A 65 -30.65 15.78 17.72
N ARG A 66 -30.06 14.60 17.91
CA ARG A 66 -29.09 14.41 18.97
C ARG A 66 -28.01 13.44 18.50
N GLU A 67 -26.85 13.49 19.15
CA GLU A 67 -25.75 12.57 18.85
C GLU A 67 -25.27 11.87 20.11
N ASP A 68 -24.82 10.63 19.98
CA ASP A 68 -24.26 9.95 21.15
C ASP A 68 -22.73 10.10 21.18
N ALA A 69 -22.10 9.41 22.11
CA ALA A 69 -20.67 9.60 22.36
C ALA A 69 -19.76 9.22 21.19
N VAL A 70 -20.22 8.36 20.27
CA VAL A 70 -19.39 7.99 19.12
C VAL A 70 -19.89 8.59 17.80
N GLY A 71 -20.96 9.37 17.85
CA GLY A 71 -21.41 10.05 16.65
C GLY A 71 -22.55 9.38 15.90
N ASN A 72 -23.23 8.42 16.53
CA ASN A 72 -24.51 7.99 16.00
C ASN A 72 -25.43 9.21 16.10
N ILE A 73 -26.19 9.48 15.04
CA ILE A 73 -27.01 10.66 14.94
C ILE A 73 -28.46 10.24 14.92
N PHE A 74 -29.28 10.87 15.77
CA PHE A 74 -30.68 10.49 15.93
C PHE A 74 -31.59 11.66 15.59
N GLY A 75 -32.62 11.40 14.79
CA GLY A 75 -33.58 12.43 14.42
C GLY A 75 -35.00 11.94 14.68
N LYS A 76 -35.66 12.50 15.69
CA LYS A 76 -36.94 11.96 16.14
C LYS A 76 -38.18 12.83 15.81
N TRP A 77 -39.24 12.17 15.37
CA TRP A 77 -40.55 12.80 15.22
C TRP A 77 -41.42 12.28 16.37
N ASP A 78 -41.70 13.15 17.35
CA ASP A 78 -42.47 12.75 18.54
C ASP A 78 -43.89 12.30 18.19
N GLY A 79 -44.26 11.10 18.66
CA GLY A 79 -45.61 10.61 18.45
C GLY A 79 -46.59 11.06 19.52
N LEU A 80 -47.84 10.65 19.37
CA LEU A 80 -48.90 10.96 20.35
C LEU A 80 -48.67 10.24 21.67
N GLU A 81 -47.93 9.14 21.64
CA GLU A 81 -47.58 8.42 22.86
C GLU A 81 -46.06 8.26 22.97
N PRO A 82 -45.37 9.35 23.32
CA PRO A 82 -43.91 9.43 23.19
C PRO A 82 -43.14 8.55 24.17
N ASN A 83 -43.79 8.10 25.25
CA ASN A 83 -43.11 7.23 26.19
C ASN A 83 -42.97 5.80 25.69
N LEU A 84 -43.72 5.43 24.66
CA LEU A 84 -43.58 4.10 24.07
C LEU A 84 -42.23 4.02 23.35
N PRO A 85 -41.63 2.82 23.33
CA PRO A 85 -40.43 2.60 22.50
C PRO A 85 -40.72 3.00 21.04
N ALA A 86 -39.80 3.74 20.45
CA ALA A 86 -40.04 4.33 19.14
C ALA A 86 -39.83 3.32 18.02
N VAL A 87 -40.32 3.67 16.84
CA VAL A 87 -40.01 2.90 15.64
C VAL A 87 -38.82 3.56 14.96
N ALA A 88 -37.76 2.78 14.78
CA ALA A 88 -36.49 3.32 14.29
C ALA A 88 -36.21 2.87 12.86
N THR A 89 -35.49 3.72 12.11
CA THR A 89 -35.04 3.36 10.79
C THR A 89 -33.76 4.13 10.48
N GLY A 90 -32.88 3.55 9.67
CA GLY A 90 -31.69 4.29 9.29
C GLY A 90 -30.61 3.46 8.65
N SER A 91 -29.49 4.09 8.35
CA SER A 91 -28.40 3.43 7.66
C SER A 91 -27.12 4.25 7.85
N HIS A 92 -26.14 4.04 7.00
CA HIS A 92 -24.85 4.70 7.18
C HIS A 92 -24.57 5.59 5.98
N ILE A 93 -23.59 6.47 6.09
CA ILE A 93 -23.20 7.26 4.92
C ILE A 93 -21.71 7.15 4.61
N ASP A 94 -20.98 6.39 5.41
CA ASP A 94 -19.57 6.20 5.07
C ASP A 94 -19.45 5.32 3.82
N ALA A 95 -18.35 5.48 3.10
CA ALA A 95 -18.14 4.82 1.81
C ALA A 95 -16.71 4.30 1.73
N ILE A 96 -16.56 3.04 1.36
CA ILE A 96 -15.22 2.48 1.22
C ILE A 96 -14.55 3.11 0.00
N PRO A 97 -13.19 3.06 -0.07
CA PRO A 97 -12.48 3.71 -1.18
C PRO A 97 -12.99 3.33 -2.57
N TYR A 98 -13.23 4.35 -3.40
CA TYR A 98 -13.67 4.16 -4.78
C TYR A 98 -14.93 3.32 -4.91
N SER A 99 -15.96 3.69 -4.15
CA SER A 99 -17.23 2.98 -4.20
C SER A 99 -18.32 3.90 -4.79
N GLY A 100 -19.58 3.53 -4.57
CA GLY A 100 -20.69 4.24 -5.20
C GLY A 100 -21.38 5.26 -4.31
N LYS A 101 -22.46 5.83 -4.83
CA LYS A 101 -23.18 6.92 -4.17
C LYS A 101 -24.45 6.46 -3.45
N TYR A 102 -24.79 5.18 -3.56
CA TYR A 102 -26.12 4.72 -3.10
C TYR A 102 -26.10 3.80 -1.88
N ASP A 103 -25.03 3.04 -1.74
CA ASP A 103 -24.83 2.17 -0.58
C ASP A 103 -24.95 2.99 0.71
N GLY A 104 -25.89 2.61 1.57
CA GLY A 104 -26.08 3.28 2.85
C GLY A 104 -26.89 4.57 2.71
N VAL A 105 -26.42 5.45 1.82
CA VAL A 105 -27.01 6.77 1.66
C VAL A 105 -28.52 6.74 1.35
N VAL A 106 -28.94 5.78 0.52
CA VAL A 106 -30.36 5.68 0.20
C VAL A 106 -31.19 5.50 1.47
N GLY A 107 -30.72 4.71 2.41
CA GLY A 107 -31.50 4.46 3.62
C GLY A 107 -31.43 5.57 4.67
N VAL A 108 -30.55 6.54 4.47
CA VAL A 108 -30.47 7.70 5.34
C VAL A 108 -31.30 8.84 4.74
N LEU A 109 -30.93 9.28 3.53
CA LEU A 109 -31.69 10.32 2.83
C LEU A 109 -33.11 9.85 2.54
N GLY A 110 -33.27 8.58 2.23
CA GLY A 110 -34.59 8.02 1.99
C GLY A 110 -35.44 7.97 3.25
N ALA A 111 -34.79 7.78 4.40
CA ALA A 111 -35.51 7.79 5.67
C ALA A 111 -36.02 9.20 5.98
N ILE A 112 -35.20 10.21 5.69
CA ILE A 112 -35.61 11.59 5.92
C ILE A 112 -36.75 11.94 4.96
N GLU A 113 -36.63 11.49 3.72
CA GLU A 113 -37.69 11.71 2.73
C GLU A 113 -38.97 11.01 3.17
N ALA A 114 -38.86 9.84 3.79
CA ALA A 114 -40.01 9.09 4.29
C ALA A 114 -40.77 9.87 5.37
N ILE A 115 -40.02 10.53 6.25
CA ILE A 115 -40.64 11.40 7.24
C ILE A 115 -41.39 12.55 6.55
N ASN A 116 -40.73 13.19 5.59
CA ASN A 116 -41.36 14.28 4.85
C ASN A 116 -42.57 13.82 4.06
N VAL A 117 -42.50 12.61 3.51
CA VAL A 117 -43.63 12.02 2.80
C VAL A 117 -44.83 11.87 3.74
N LEU A 118 -44.59 11.30 4.92
CA LEU A 118 -45.65 11.12 5.90
C LEU A 118 -46.24 12.44 6.38
N LYS A 119 -45.37 13.43 6.57
CA LYS A 119 -45.82 14.74 7.01
C LYS A 119 -46.69 15.42 5.96
N ARG A 120 -46.34 15.27 4.69
CA ARG A 120 -47.16 15.84 3.61
C ARG A 120 -48.53 15.18 3.57
N SER A 121 -48.59 13.92 3.97
CA SER A 121 -49.86 13.19 3.96
C SER A 121 -50.67 13.37 5.25
N GLY A 122 -50.12 14.14 6.19
CA GLY A 122 -50.81 14.43 7.43
C GLY A 122 -50.88 13.25 8.39
N PHE A 123 -49.91 12.34 8.27
CA PHE A 123 -49.85 11.20 9.17
C PHE A 123 -49.60 11.64 10.62
N LYS A 124 -50.30 11.01 11.55
CA LYS A 124 -50.12 11.30 12.98
C LYS A 124 -49.60 10.07 13.70
N PRO A 125 -48.28 10.03 13.98
CA PRO A 125 -47.71 8.85 14.62
C PRO A 125 -48.19 8.67 16.06
N LYS A 126 -48.42 7.41 16.46
CA LYS A 126 -48.70 7.10 17.85
C LYS A 126 -47.36 6.88 18.54
N ARG A 127 -46.66 5.81 18.18
CA ARG A 127 -45.27 5.66 18.53
C ARG A 127 -44.44 6.69 17.75
N SER A 128 -43.42 7.24 18.41
CA SER A 128 -42.52 8.16 17.76
C SER A 128 -41.76 7.45 16.66
N LEU A 129 -41.32 8.22 15.66
CA LEU A 129 -40.45 7.68 14.62
C LEU A 129 -39.08 8.28 14.84
N GLU A 130 -38.04 7.46 14.75
CA GLU A 130 -36.68 7.98 14.90
C GLU A 130 -35.75 7.49 13.80
N ILE A 131 -35.10 8.44 13.13
CA ILE A 131 -34.11 8.11 12.11
C ILE A 131 -32.74 8.03 12.74
N ILE A 132 -31.98 7.00 12.36
CA ILE A 132 -30.63 6.84 12.86
C ILE A 132 -29.66 6.93 11.72
N LEU A 133 -28.73 7.87 11.82
CA LEU A 133 -27.53 7.83 10.99
C LEU A 133 -26.46 7.14 11.81
N PHE A 134 -26.18 5.89 11.49
CA PHE A 134 -25.13 5.16 12.21
C PHE A 134 -23.79 5.80 11.91
N THR A 135 -22.93 5.87 12.93
CA THR A 135 -21.69 6.64 12.81
C THR A 135 -20.78 6.09 11.72
N SER A 136 -20.88 4.77 11.48
CA SER A 136 -20.08 4.11 10.45
C SER A 136 -20.53 2.67 10.33
N ALA A 137 -20.64 2.16 9.10
CA ALA A 137 -20.89 0.74 8.91
C ALA A 137 -19.67 0.04 8.31
N GLU A 138 -18.82 0.80 7.61
CA GLU A 138 -17.70 0.18 6.88
C GLU A 138 -16.47 0.03 7.76
N PRO A 139 -15.70 -1.05 7.51
CA PRO A 139 -14.54 -1.39 8.36
C PRO A 139 -13.27 -0.68 7.93
N THR A 140 -13.39 0.28 7.01
CA THR A 140 -12.23 0.91 6.36
C THR A 140 -11.17 1.46 7.30
N ARG A 141 -11.58 2.23 8.31
CA ARG A 141 -10.60 2.94 9.11
C ARG A 141 -9.96 2.10 10.21
N PHE A 142 -10.78 1.43 11.01
CA PHE A 142 -10.26 0.70 12.17
C PHE A 142 -10.39 -0.82 12.04
N GLY A 143 -10.83 -1.29 10.88
CA GLY A 143 -11.02 -2.73 10.67
C GLY A 143 -12.28 -3.26 11.32
N ILE A 144 -13.08 -2.36 11.89
CA ILE A 144 -14.29 -2.76 12.61
C ILE A 144 -15.52 -2.32 11.83
N SER A 145 -16.34 -3.30 11.41
CA SER A 145 -17.57 -2.99 10.68
C SER A 145 -18.66 -2.61 11.67
N CYS A 146 -19.65 -1.83 11.21
CA CYS A 146 -20.81 -1.48 12.02
C CYS A 146 -20.43 -0.99 13.41
N LEU A 147 -19.43 -0.12 13.48
CA LEU A 147 -18.91 0.31 14.77
C LEU A 147 -20.01 0.89 15.64
N GLY A 148 -20.85 1.72 15.04
CA GLY A 148 -21.96 2.34 15.75
C GLY A 148 -23.01 1.37 16.27
N SER A 149 -23.52 0.50 15.41
CA SER A 149 -24.59 -0.40 15.83
C SER A 149 -24.08 -1.53 16.75
N ARG A 150 -22.83 -1.93 16.60
CA ARG A 150 -22.25 -2.92 17.51
C ARG A 150 -22.27 -2.36 18.93
N LEU A 151 -21.97 -1.06 19.05
CA LEU A 151 -22.02 -0.39 20.35
C LEU A 151 -23.44 -0.19 20.84
N LEU A 152 -24.35 0.23 19.95
CA LEU A 152 -25.76 0.34 20.32
C LEU A 152 -26.25 -0.99 20.87
N ALA A 153 -25.79 -2.10 20.29
CA ALA A 153 -26.22 -3.42 20.74
C ALA A 153 -25.44 -3.93 21.96
N GLY A 154 -24.61 -3.06 22.55
CA GLY A 154 -24.02 -3.34 23.85
C GLY A 154 -22.76 -4.19 23.93
N SER A 155 -21.90 -4.11 22.91
CA SER A 155 -20.66 -4.89 22.92
C SER A 155 -19.63 -4.30 23.89
N LYS A 156 -19.50 -4.91 25.07
CA LYS A 156 -18.53 -4.43 26.06
C LYS A 156 -17.10 -4.64 25.54
N GLU A 157 -16.90 -5.73 24.82
CA GLU A 157 -15.59 -6.04 24.25
C GLU A 157 -15.16 -4.95 23.28
N LEU A 158 -16.08 -4.47 22.45
CA LEU A 158 -15.77 -3.41 21.51
C LEU A 158 -15.48 -2.09 22.22
N ALA A 159 -16.34 -1.73 23.18
CA ALA A 159 -16.16 -0.48 23.92
C ALA A 159 -14.79 -0.44 24.61
N GLU A 160 -14.39 -1.57 25.20
CA GLU A 160 -13.09 -1.65 25.85
C GLU A 160 -11.94 -1.48 24.87
N ALA A 161 -11.98 -2.21 23.76
CA ALA A 161 -10.95 -2.11 22.73
C ALA A 161 -10.83 -0.68 22.19
N LEU A 162 -11.97 -0.04 21.93
CA LEU A 162 -11.96 1.32 21.39
C LEU A 162 -11.25 2.32 22.31
N LYS A 163 -11.37 2.11 23.62
CA LYS A 163 -10.73 3.00 24.59
C LYS A 163 -9.27 2.64 24.88
N THR A 164 -8.89 1.39 24.61
CA THR A 164 -7.59 0.90 25.06
C THR A 164 -6.57 0.62 23.95
N THR A 165 -6.99 -0.04 22.87
CA THR A 165 -6.02 -0.51 21.87
C THR A 165 -6.26 -0.06 20.41
N VAL A 166 -7.49 0.28 20.06
CA VAL A 166 -7.82 0.47 18.65
C VAL A 166 -7.16 1.70 18.02
N VAL A 167 -6.43 1.48 16.94
CA VAL A 167 -5.84 2.55 16.15
C VAL A 167 -6.06 2.28 14.66
N ASP A 168 -5.92 3.31 13.83
CA ASP A 168 -6.01 3.09 12.39
C ASP A 168 -4.65 2.81 11.78
N GLY A 169 -4.56 2.76 10.46
CA GLY A 169 -3.32 2.42 9.78
C GLY A 169 -2.25 3.49 9.81
N GLN A 170 -2.59 4.67 10.30
CA GLN A 170 -1.62 5.75 10.49
C GLN A 170 -1.33 5.91 11.97
N ASN A 171 -1.74 4.90 12.74
CA ASN A 171 -1.56 4.89 14.19
C ASN A 171 -2.29 6.01 14.93
N VAL A 172 -3.36 6.53 14.33
CA VAL A 172 -4.24 7.47 15.02
C VAL A 172 -5.23 6.65 15.85
N SER A 173 -5.35 6.96 17.13
CA SER A 173 -6.24 6.19 18.00
C SER A 173 -7.69 6.49 17.65
N PHE A 174 -8.59 5.57 18.02
CA PHE A 174 -10.02 5.80 17.84
C PHE A 174 -10.44 7.07 18.57
N ILE A 175 -9.95 7.23 19.80
CA ILE A 175 -10.32 8.37 20.61
C ILE A 175 -9.85 9.70 19.99
N GLU A 176 -8.62 9.73 19.48
CA GLU A 176 -8.12 10.95 18.85
C GLU A 176 -8.91 11.27 17.58
N ALA A 177 -9.19 10.25 16.78
CA ALA A 177 -9.98 10.44 15.57
C ALA A 177 -11.38 10.93 15.92
N ALA A 178 -12.03 10.27 16.89
CA ALA A 178 -13.36 10.68 17.31
C ALA A 178 -13.37 12.14 17.76
N ARG A 179 -12.37 12.51 18.54
CA ARG A 179 -12.31 13.86 19.09
C ARG A 179 -12.05 14.93 18.01
N SER A 180 -11.29 14.58 16.98
CA SER A 180 -11.06 15.51 15.88
C SER A 180 -12.37 15.82 15.14
N ALA A 181 -13.34 14.92 15.23
CA ALA A 181 -14.64 15.12 14.59
C ALA A 181 -15.69 15.64 15.56
N GLY A 182 -15.29 15.88 16.80
CA GLY A 182 -16.17 16.49 17.78
C GLY A 182 -16.88 15.51 18.70
N TYR A 183 -16.41 14.26 18.74
CA TYR A 183 -17.05 13.23 19.55
C TYR A 183 -16.13 12.66 20.63
N ALA A 184 -16.71 11.84 21.51
CA ALA A 184 -15.96 11.14 22.56
C ALA A 184 -15.11 12.07 23.43
N GLU A 185 -15.63 13.26 23.71
CA GLU A 185 -14.89 14.26 24.44
C GLU A 185 -14.90 14.03 25.97
N ASP A 186 -15.85 13.22 26.45
CA ASP A 186 -15.96 12.90 27.88
C ASP A 186 -14.95 11.83 28.31
N LYS A 187 -13.97 12.22 29.11
CA LYS A 187 -12.88 11.33 29.50
C LYS A 187 -13.31 10.16 30.37
N ASP A 188 -14.44 10.30 31.06
CA ASP A 188 -14.86 9.30 32.04
C ASP A 188 -15.99 8.41 31.53
N ASP A 189 -16.31 8.54 30.25
CA ASP A 189 -17.26 7.66 29.60
C ASP A 189 -16.49 6.47 29.04
N ASP A 190 -16.87 5.26 29.42
CA ASP A 190 -16.20 4.08 28.91
C ASP A 190 -16.88 3.61 27.62
N LEU A 191 -17.77 4.47 27.11
CA LEU A 191 -18.54 4.27 25.88
C LEU A 191 -19.79 3.44 26.12
N SER A 192 -19.98 3.01 27.37
CA SER A 192 -21.18 2.27 27.74
C SER A 192 -22.41 3.16 27.67
N SER A 193 -22.20 4.48 27.63
CA SER A 193 -23.29 5.44 27.48
C SER A 193 -24.02 5.24 26.15
N VAL A 194 -23.35 4.61 25.18
CA VAL A 194 -23.92 4.38 23.86
C VAL A 194 -24.92 3.23 23.87
N PHE A 195 -24.71 2.28 24.78
CA PHE A 195 -25.52 1.07 24.86
C PHE A 195 -27.02 1.35 24.93
N LEU A 196 -27.79 0.68 24.09
CA LEU A 196 -29.25 0.74 24.20
C LEU A 196 -29.76 -0.48 24.93
N LYS A 197 -30.79 -0.29 25.75
CA LYS A 197 -31.42 -1.42 26.42
C LYS A 197 -32.21 -2.23 25.40
N LYS A 198 -32.21 -3.54 25.58
CA LYS A 198 -33.04 -4.41 24.75
C LYS A 198 -34.50 -3.96 24.83
N GLY A 199 -35.12 -3.80 23.68
CA GLY A 199 -36.51 -3.37 23.62
C GLY A 199 -36.73 -1.86 23.68
N SER A 200 -35.65 -1.09 23.65
CA SER A 200 -35.77 0.38 23.70
C SER A 200 -36.37 0.91 22.40
N TYR A 201 -36.32 0.11 21.34
CA TYR A 201 -37.08 0.38 20.13
C TYR A 201 -38.13 -0.70 19.92
N PHE A 202 -39.30 -0.29 19.46
CA PHE A 202 -40.36 -1.24 19.12
C PHE A 202 -39.94 -2.09 17.92
N ALA A 203 -39.20 -1.49 16.99
CA ALA A 203 -38.74 -2.20 15.81
C ALA A 203 -37.69 -1.33 15.13
N PHE A 204 -36.88 -1.96 14.29
CA PHE A 204 -35.94 -1.22 13.46
C PHE A 204 -35.99 -1.66 11.99
N LEU A 205 -36.05 -0.69 11.07
CA LEU A 205 -36.08 -0.96 9.63
C LEU A 205 -34.91 -0.31 8.90
N GLU A 206 -34.35 -0.99 7.91
CA GLU A 206 -33.33 -0.36 7.10
C GLU A 206 -33.69 -0.51 5.62
N LEU A 207 -33.79 0.62 4.92
CA LEU A 207 -33.96 0.61 3.48
C LEU A 207 -32.56 0.58 2.84
N HIS A 208 -32.34 -0.27 1.84
CA HIS A 208 -31.00 -0.40 1.28
C HIS A 208 -31.07 -0.92 -0.15
N ILE A 209 -30.13 -0.50 -1.01
CA ILE A 209 -30.07 -1.12 -2.33
C ILE A 209 -29.76 -2.59 -2.16
N GLU A 210 -30.24 -3.43 -3.07
CA GLU A 210 -30.06 -4.87 -2.97
C GLU A 210 -28.60 -5.32 -2.91
N GLN A 211 -27.75 -4.68 -3.72
CA GLN A 211 -26.36 -5.12 -3.90
C GLN A 211 -26.32 -6.53 -4.51
N GLY A 212 -27.32 -6.81 -5.33
CA GLY A 212 -27.39 -8.04 -6.08
C GLY A 212 -28.34 -7.81 -7.24
N PRO A 213 -28.36 -8.74 -8.21
CA PRO A 213 -29.13 -8.56 -9.45
C PRO A 213 -30.51 -9.19 -9.43
N ILE A 214 -30.93 -9.76 -8.30
CA ILE A 214 -32.14 -10.59 -8.28
C ILE A 214 -33.40 -9.81 -8.63
N LEU A 215 -33.65 -8.71 -7.92
CA LEU A 215 -34.85 -7.92 -8.18
C LEU A 215 -34.88 -7.40 -9.61
N GLU A 216 -33.74 -6.89 -10.06
CA GLU A 216 -33.65 -6.39 -11.42
C GLU A 216 -33.90 -7.49 -12.46
N ASP A 217 -33.25 -8.65 -12.29
CA ASP A 217 -33.37 -9.74 -13.26
C ASP A 217 -34.78 -10.31 -13.32
N GLU A 218 -35.46 -10.32 -12.17
CA GLU A 218 -36.81 -10.91 -12.08
C GLU A 218 -37.91 -9.89 -12.36
N GLY A 219 -37.54 -8.62 -12.48
CA GLY A 219 -38.50 -7.58 -12.80
C GLY A 219 -39.39 -7.23 -11.63
N LEU A 220 -38.82 -7.30 -10.43
CA LEU A 220 -39.60 -7.03 -9.21
C LEU A 220 -39.22 -5.69 -8.60
N ASP A 221 -40.16 -5.10 -7.86
CA ASP A 221 -40.02 -3.75 -7.34
C ASP A 221 -39.28 -3.70 -6.00
N ILE A 222 -39.52 -4.69 -5.14
CA ILE A 222 -39.13 -4.60 -3.73
C ILE A 222 -38.68 -5.97 -3.22
N GLY A 223 -37.59 -6.00 -2.45
CA GLY A 223 -37.21 -7.20 -1.72
C GLY A 223 -37.53 -7.06 -0.24
N VAL A 224 -38.23 -8.04 0.31
CA VAL A 224 -38.49 -8.09 1.75
C VAL A 224 -37.45 -9.03 2.36
N VAL A 225 -36.55 -8.48 3.17
CA VAL A 225 -35.40 -9.26 3.65
C VAL A 225 -35.77 -10.12 4.86
N THR A 226 -35.48 -11.41 4.77
CA THR A 226 -35.88 -12.34 5.82
C THR A 226 -34.73 -12.72 6.74
N ALA A 227 -33.50 -12.52 6.27
CA ALA A 227 -32.32 -12.90 7.04
C ALA A 227 -31.07 -12.22 6.49
N ILE A 228 -30.03 -12.14 7.31
CA ILE A 228 -28.75 -11.55 6.90
C ILE A 228 -27.63 -12.58 7.11
N ALA A 229 -26.82 -12.82 6.08
CA ALA A 229 -25.75 -13.82 6.12
C ALA A 229 -24.72 -13.54 7.22
N ALA A 230 -24.01 -14.57 7.66
CA ALA A 230 -23.06 -14.45 8.77
C ALA A 230 -21.68 -14.00 8.31
N PRO A 231 -21.23 -12.81 8.78
CA PRO A 231 -19.96 -12.25 8.32
C PRO A 231 -18.78 -12.49 9.28
N ALA A 232 -17.60 -12.68 8.72
CA ALA A 232 -16.37 -12.74 9.51
C ALA A 232 -15.24 -12.04 8.77
N SER A 233 -14.24 -11.59 9.53
CA SER A 233 -13.04 -11.04 8.89
C SER A 233 -11.80 -11.44 9.67
N LEU A 234 -10.71 -11.65 8.94
CA LEU A 234 -9.45 -12.10 9.54
C LEU A 234 -8.34 -11.13 9.19
N LYS A 235 -7.40 -10.95 10.12
CA LYS A 235 -6.18 -10.19 9.84
C LYS A 235 -4.99 -11.12 10.01
N VAL A 236 -4.16 -11.22 8.97
CA VAL A 236 -3.05 -12.16 8.98
C VAL A 236 -1.75 -11.45 8.64
N GLU A 237 -0.70 -11.76 9.39
CA GLU A 237 0.64 -11.26 9.06
C GLU A 237 1.67 -12.39 9.00
N PHE A 238 2.53 -12.34 8.00
CA PHE A 238 3.69 -13.24 7.91
C PHE A 238 4.95 -12.40 8.06
N GLU A 239 5.97 -12.95 8.71
CA GLU A 239 7.26 -12.25 8.90
C GLU A 239 8.42 -13.09 8.40
N GLY A 240 9.28 -12.50 7.57
CA GLY A 240 10.51 -13.14 7.12
C GLY A 240 11.71 -12.24 7.32
N ASN A 241 12.86 -12.63 6.77
CA ASN A 241 14.10 -11.89 7.01
C ASN A 241 14.26 -10.68 6.11
N GLY A 242 13.59 -10.70 4.96
CA GLY A 242 13.75 -9.67 3.96
C GLY A 242 15.19 -9.56 3.49
N GLY A 243 15.55 -8.39 2.99
CA GLY A 243 16.89 -8.18 2.48
C GLY A 243 16.94 -7.80 1.02
N HIS A 244 18.13 -7.90 0.46
CA HIS A 244 18.42 -7.35 -0.86
C HIS A 244 17.92 -8.25 -1.99
N ALA A 245 17.07 -7.72 -2.86
CA ALA A 245 16.43 -8.50 -3.92
C ALA A 245 17.42 -9.06 -4.93
N GLY A 246 18.55 -8.39 -5.09
CA GLY A 246 19.55 -8.82 -6.05
C GLY A 246 20.54 -9.80 -5.49
N ALA A 247 20.81 -9.70 -4.19
CA ALA A 247 21.94 -10.41 -3.60
C ALA A 247 21.59 -11.63 -2.75
N VAL A 248 20.36 -11.71 -2.24
CA VAL A 248 19.98 -12.88 -1.47
C VAL A 248 19.55 -13.99 -2.43
N LEU A 249 20.33 -15.06 -2.50
CA LEU A 249 20.03 -16.13 -3.44
C LEU A 249 18.76 -16.88 -3.03
N MET A 250 18.06 -17.45 -4.01
CA MET A 250 16.74 -18.06 -3.77
C MET A 250 16.67 -19.10 -2.63
N PRO A 251 17.66 -20.03 -2.53
CA PRO A 251 17.59 -21.04 -1.45
C PRO A 251 17.62 -20.49 -0.02
N TYR A 252 18.01 -19.23 0.15
CA TYR A 252 18.17 -18.66 1.48
C TYR A 252 17.03 -17.74 1.88
N ARG A 253 15.99 -17.67 1.04
CA ARG A 253 14.90 -16.73 1.27
C ARG A 253 13.81 -17.30 2.16
N ASN A 254 13.08 -16.40 2.81
CA ASN A 254 11.79 -16.74 3.39
C ASN A 254 10.81 -15.59 3.11
N ASP A 255 10.35 -15.56 1.86
CA ASP A 255 9.64 -14.44 1.27
C ASP A 255 8.20 -14.33 1.78
N ALA A 256 7.92 -13.30 2.57
CA ALA A 256 6.61 -13.11 3.19
C ALA A 256 5.54 -12.79 2.15
N GLY A 257 5.98 -12.23 1.03
CA GLY A 257 5.06 -11.90 -0.05
C GLY A 257 4.53 -13.16 -0.71
N LEU A 258 5.37 -14.18 -0.84
CA LEU A 258 4.93 -15.42 -1.48
C LEU A 258 4.06 -16.23 -0.52
N ALA A 259 4.36 -16.15 0.77
CA ALA A 259 3.46 -16.69 1.80
C ALA A 259 2.06 -16.08 1.67
N ALA A 260 2.00 -14.77 1.54
CA ALA A 260 0.71 -14.08 1.40
C ALA A 260 -0.01 -14.52 0.14
N ALA A 261 0.75 -14.61 -0.97
CA ALA A 261 0.18 -15.07 -2.24
C ALA A 261 -0.45 -16.44 -2.10
N GLU A 262 0.27 -17.35 -1.46
CA GLU A 262 -0.21 -18.71 -1.26
C GLU A 262 -1.44 -18.73 -0.35
N LEU A 263 -1.45 -17.91 0.69
CA LEU A 263 -2.62 -17.87 1.58
C LEU A 263 -3.86 -17.34 0.86
N ALA A 264 -3.68 -16.34 -0.01
CA ALA A 264 -4.82 -15.79 -0.75
C ALA A 264 -5.48 -16.85 -1.64
N LEU A 265 -4.66 -17.65 -2.31
CA LEU A 265 -5.17 -18.70 -3.17
C LEU A 265 -5.81 -19.82 -2.35
N ALA A 266 -5.30 -20.04 -1.13
CA ALA A 266 -5.90 -21.03 -0.23
C ALA A 266 -7.28 -20.59 0.25
N VAL A 267 -7.45 -19.28 0.48
CA VAL A 267 -8.76 -18.74 0.83
C VAL A 267 -9.77 -19.13 -0.23
N GLU A 268 -9.46 -18.84 -1.49
CA GLU A 268 -10.32 -19.20 -2.61
C GLU A 268 -10.62 -20.70 -2.61
N LYS A 269 -9.57 -21.51 -2.48
CA LYS A 269 -9.74 -22.95 -2.46
C LYS A 269 -10.71 -23.42 -1.38
N HIS A 270 -10.53 -22.93 -0.15
CA HIS A 270 -11.39 -23.37 0.95
C HIS A 270 -12.85 -22.91 0.77
N VAL A 271 -13.04 -21.72 0.21
CA VAL A 271 -14.39 -21.26 -0.09
C VAL A 271 -15.04 -22.23 -1.08
N LEU A 272 -14.33 -22.57 -2.15
CA LEU A 272 -14.86 -23.45 -3.18
C LEU A 272 -15.12 -24.87 -2.67
N GLU A 273 -14.33 -25.31 -1.67
CA GLU A 273 -14.51 -26.63 -1.07
C GLU A 273 -15.83 -26.80 -0.32
N SER A 274 -16.49 -25.68 0.01
CA SER A 274 -17.73 -25.73 0.79
C SER A 274 -18.85 -26.42 0.02
N GLU A 275 -18.75 -26.39 -1.31
CA GLU A 275 -19.73 -26.99 -2.22
C GLU A 275 -21.07 -26.24 -2.25
N SER A 276 -21.10 -25.05 -1.67
CA SER A 276 -22.29 -24.21 -1.72
C SER A 276 -21.97 -22.88 -2.41
N ILE A 277 -22.87 -22.43 -3.27
CA ILE A 277 -22.67 -21.17 -3.97
C ILE A 277 -22.86 -19.96 -3.04
N ASP A 278 -23.37 -20.20 -1.85
CA ASP A 278 -23.65 -19.13 -0.88
C ASP A 278 -22.40 -18.70 -0.10
N THR A 279 -21.34 -19.49 -0.22
CA THR A 279 -20.10 -19.23 0.50
C THR A 279 -19.22 -18.29 -0.31
N VAL A 280 -18.69 -17.26 0.34
CA VAL A 280 -17.78 -16.33 -0.32
C VAL A 280 -16.56 -16.06 0.55
N GLY A 281 -15.46 -15.65 -0.06
CA GLY A 281 -14.28 -15.28 0.69
C GLY A 281 -13.42 -14.44 -0.22
N THR A 282 -12.74 -13.44 0.34
CA THR A 282 -12.03 -12.49 -0.49
C THR A 282 -10.80 -12.01 0.24
N VAL A 283 -9.70 -11.85 -0.48
CA VAL A 283 -8.57 -11.09 0.05
C VAL A 283 -8.61 -9.71 -0.61
N GLY A 284 -9.18 -8.74 0.11
CA GLY A 284 -9.34 -7.40 -0.42
C GLY A 284 -8.14 -6.52 -0.18
N ILE A 285 -7.33 -6.90 0.80
CA ILE A 285 -6.16 -6.13 1.17
C ILE A 285 -4.98 -7.07 1.27
N LEU A 286 -3.90 -6.76 0.55
CA LEU A 286 -2.65 -7.49 0.66
C LEU A 286 -1.52 -6.49 0.51
N GLU A 287 -0.83 -6.19 1.61
CA GLU A 287 0.26 -5.22 1.56
C GLU A 287 1.61 -5.84 1.90
N LEU A 288 2.64 -5.37 1.20
CA LEU A 288 4.00 -5.84 1.42
C LEU A 288 4.82 -4.75 2.11
N HIS A 289 5.70 -5.18 3.01
CA HIS A 289 6.63 -4.27 3.68
C HIS A 289 8.03 -4.84 3.46
N PRO A 290 8.99 -3.96 3.12
CA PRO A 290 8.87 -2.50 3.06
C PRO A 290 8.19 -1.93 1.80
N GLY A 291 7.93 -2.77 0.80
CA GLY A 291 7.25 -2.31 -0.40
C GLY A 291 8.15 -1.51 -1.34
N ALA A 292 9.34 -2.05 -1.60
CA ALA A 292 10.26 -1.49 -2.57
C ALA A 292 10.58 -2.57 -3.60
N ILE A 293 10.79 -2.17 -4.85
CA ILE A 293 10.98 -3.14 -5.91
C ILE A 293 12.23 -4.01 -5.67
N ASN A 294 13.24 -3.43 -5.02
CA ASN A 294 14.51 -4.13 -4.81
C ASN A 294 14.76 -4.58 -3.37
N SER A 295 13.67 -4.75 -2.63
CA SER A 295 13.72 -5.23 -1.24
C SER A 295 12.77 -6.42 -1.07
N ILE A 296 13.31 -7.57 -0.66
CA ILE A 296 12.44 -8.73 -0.42
C ILE A 296 11.47 -8.45 0.74
N PRO A 297 10.16 -8.69 0.52
CA PRO A 297 9.22 -8.40 1.62
C PRO A 297 9.55 -9.17 2.89
N SER A 298 9.68 -8.46 4.01
CA SER A 298 9.96 -9.05 5.30
C SER A 298 8.67 -9.17 6.10
N LYS A 299 7.65 -8.41 5.70
CA LYS A 299 6.33 -8.56 6.30
C LYS A 299 5.27 -8.47 5.21
N SER A 300 4.26 -9.32 5.33
CA SER A 300 3.08 -9.18 4.49
C SER A 300 1.85 -9.20 5.36
N HIS A 301 0.81 -8.53 4.91
CA HIS A 301 -0.39 -8.32 5.71
C HIS A 301 -1.58 -8.58 4.81
N LEU A 302 -2.47 -9.48 5.26
CA LEU A 302 -3.69 -9.79 4.51
C LEU A 302 -4.89 -9.45 5.36
N GLU A 303 -5.94 -8.91 4.74
CA GLU A 303 -7.21 -8.80 5.43
C GLU A 303 -8.23 -9.58 4.62
N ILE A 304 -8.86 -10.53 5.28
CA ILE A 304 -9.68 -11.54 4.63
C ILE A 304 -11.13 -11.41 5.09
N ASP A 305 -12.03 -11.41 4.12
CA ASP A 305 -13.46 -11.30 4.39
C ASP A 305 -14.03 -12.65 4.00
N THR A 306 -14.83 -13.27 4.87
CA THR A 306 -15.51 -14.50 4.47
C THR A 306 -16.89 -14.62 5.13
N ARG A 307 -17.88 -15.11 4.39
CA ARG A 307 -19.27 -15.12 4.83
C ARG A 307 -20.01 -16.33 4.27
N ASP A 308 -21.13 -16.65 4.91
CA ASP A 308 -22.03 -17.66 4.38
C ASP A 308 -23.37 -17.48 5.09
N ILE A 309 -24.46 -17.87 4.44
CA ILE A 309 -25.75 -17.83 5.14
C ILE A 309 -25.75 -18.88 6.24
N ASP A 310 -24.98 -19.96 6.03
CA ASP A 310 -24.87 -21.01 7.02
C ASP A 310 -23.63 -20.79 7.90
N GLU A 311 -23.85 -20.55 9.19
CA GLU A 311 -22.77 -20.18 10.10
C GLU A 311 -21.70 -21.27 10.23
N ALA A 312 -22.14 -22.52 10.31
CA ALA A 312 -21.20 -23.64 10.48
C ALA A 312 -20.28 -23.80 9.28
N ARG A 313 -20.84 -23.70 8.08
CA ARG A 313 -20.08 -23.78 6.84
C ARG A 313 -19.03 -22.65 6.78
N ARG A 314 -19.43 -21.46 7.20
CA ARG A 314 -18.55 -20.29 7.29
C ARG A 314 -17.39 -20.59 8.24
N ASN A 315 -17.71 -21.13 9.40
CA ASN A 315 -16.70 -21.43 10.42
C ASN A 315 -15.69 -22.47 9.95
N THR A 316 -16.15 -23.43 9.15
CA THR A 316 -15.27 -24.42 8.56
C THR A 316 -14.22 -23.75 7.64
N VAL A 317 -14.66 -22.81 6.80
CA VAL A 317 -13.72 -22.08 5.94
C VAL A 317 -12.66 -21.35 6.79
N ILE A 318 -13.10 -20.70 7.87
CA ILE A 318 -12.18 -20.04 8.80
C ILE A 318 -11.14 -21.01 9.39
N LYS A 319 -11.59 -22.15 9.90
CA LYS A 319 -10.67 -23.16 10.45
C LYS A 319 -9.66 -23.61 9.41
N LYS A 320 -10.12 -23.83 8.19
CA LYS A 320 -9.23 -24.27 7.12
C LYS A 320 -8.24 -23.16 6.73
N ILE A 321 -8.69 -21.92 6.73
CA ILE A 321 -7.81 -20.80 6.42
C ILE A 321 -6.68 -20.73 7.47
N GLN A 322 -7.04 -20.91 8.73
CA GLN A 322 -6.05 -20.90 9.80
C GLN A 322 -5.08 -22.06 9.69
N GLU A 323 -5.59 -23.25 9.32
CA GLU A 323 -4.71 -24.40 9.10
C GLU A 323 -3.75 -24.13 7.95
N SER A 324 -4.26 -23.57 6.86
CA SER A 324 -3.42 -23.26 5.71
C SER A 324 -2.35 -22.22 6.04
N ALA A 325 -2.70 -21.23 6.85
CA ALA A 325 -1.75 -20.18 7.23
C ALA A 325 -0.56 -20.77 8.00
N ASN A 326 -0.84 -21.72 8.88
CA ASN A 326 0.23 -22.39 9.63
C ASN A 326 1.09 -23.28 8.76
N THR A 327 0.45 -23.99 7.84
CA THR A 327 1.16 -24.88 6.92
C THR A 327 2.05 -24.08 5.97
N ILE A 328 1.51 -22.99 5.45
CA ILE A 328 2.27 -22.10 4.58
C ILE A 328 3.45 -21.48 5.32
N ALA A 329 3.22 -21.02 6.55
CA ALA A 329 4.30 -20.43 7.34
C ALA A 329 5.46 -21.42 7.55
N LYS A 330 5.12 -22.66 7.89
CA LYS A 330 6.15 -23.68 8.08
C LYS A 330 6.90 -23.99 6.79
N LYS A 331 6.18 -24.10 5.69
CA LYS A 331 6.79 -24.44 4.41
C LYS A 331 7.69 -23.31 3.92
N ARG A 332 7.24 -22.07 4.08
CA ARG A 332 7.99 -20.90 3.61
C ARG A 332 9.07 -20.50 4.60
N LYS A 333 9.04 -21.11 5.77
CA LYS A 333 9.97 -20.79 6.86
C LYS A 333 9.83 -19.34 7.31
N VAL A 334 8.60 -18.83 7.29
CA VAL A 334 8.30 -17.54 7.86
C VAL A 334 7.54 -17.70 9.17
N LYS A 335 7.49 -16.64 9.95
CA LYS A 335 6.69 -16.63 11.16
C LYS A 335 5.26 -16.18 10.84
N LEU A 336 4.28 -16.94 11.30
CA LEU A 336 2.90 -16.46 11.28
C LEU A 336 2.77 -15.55 12.49
N SER A 337 3.05 -14.27 12.30
CA SER A 337 3.20 -13.33 13.42
C SER A 337 1.89 -12.75 13.92
N GLU A 338 0.85 -12.91 13.11
CA GLU A 338 -0.49 -12.58 13.56
C GLU A 338 -1.52 -13.39 12.80
N PHE A 339 -2.47 -13.95 13.54
CA PHE A 339 -3.67 -14.48 12.92
C PHE A 339 -4.81 -14.10 13.84
N LYS A 340 -5.56 -13.08 13.44
CA LYS A 340 -6.57 -12.50 14.31
C LYS A 340 -7.92 -12.58 13.64
N ILE A 341 -8.86 -13.21 14.34
CA ILE A 341 -10.24 -13.17 13.89
C ILE A 341 -10.82 -11.89 14.44
N VAL A 342 -10.92 -10.87 13.58
CA VAL A 342 -11.38 -9.55 14.00
C VAL A 342 -12.86 -9.58 14.39
N ASN A 343 -13.66 -10.27 13.60
CA ASN A 343 -15.05 -10.51 13.96
C ASN A 343 -15.50 -11.82 13.35
N GLN A 344 -16.45 -12.47 14.02
CA GLN A 344 -17.01 -13.73 13.56
C GLN A 344 -18.42 -13.73 14.11
N ASP A 345 -19.36 -13.24 13.32
CA ASP A 345 -20.70 -12.94 13.82
C ASP A 345 -21.71 -13.92 13.25
N PRO A 346 -22.77 -14.21 14.03
CA PRO A 346 -23.84 -15.10 13.56
C PRO A 346 -24.75 -14.39 12.57
N PRO A 347 -25.53 -15.17 11.80
CA PRO A 347 -26.52 -14.53 10.92
C PRO A 347 -27.68 -14.01 11.77
N ALA A 348 -28.58 -13.22 11.21
CA ALA A 348 -29.76 -12.80 11.95
C ALA A 348 -31.02 -12.99 11.12
N LEU A 349 -32.14 -13.22 11.81
CA LEU A 349 -33.44 -13.34 11.16
C LEU A 349 -34.27 -12.08 11.35
N SER A 350 -34.94 -11.63 10.30
CA SER A 350 -35.88 -10.52 10.42
C SER A 350 -37.12 -10.98 11.18
N ASP A 351 -37.73 -10.04 11.91
CA ASP A 351 -38.94 -10.29 12.68
C ASP A 351 -40.12 -10.59 11.75
N LYS A 352 -40.90 -11.62 12.09
CA LYS A 352 -41.94 -12.10 11.19
C LYS A 352 -43.11 -11.12 11.04
N LEU A 353 -43.37 -10.32 12.05
CA LEU A 353 -44.47 -9.35 11.94
C LEU A 353 -43.99 -8.08 11.23
N VAL A 354 -42.70 -7.79 11.33
CA VAL A 354 -42.10 -6.73 10.52
C VAL A 354 -42.18 -7.09 9.04
N ILE A 355 -41.73 -8.30 8.71
CA ILE A 355 -41.86 -8.83 7.35
C ILE A 355 -43.30 -8.74 6.84
N LYS A 356 -44.26 -9.17 7.68
CA LYS A 356 -45.67 -9.12 7.33
C LYS A 356 -46.13 -7.72 6.93
N LYS A 357 -45.81 -6.72 7.76
CA LYS A 357 -46.20 -5.34 7.50
C LYS A 357 -45.53 -4.79 6.26
N MET A 358 -44.26 -5.14 6.06
CA MET A 358 -43.55 -4.71 4.86
C MET A 358 -44.16 -5.27 3.58
N ALA A 359 -44.47 -6.56 3.57
CA ALA A 359 -45.08 -7.16 2.40
C ALA A 359 -46.46 -6.58 2.13
N GLU A 360 -47.22 -6.29 3.19
CA GLU A 360 -48.54 -5.67 3.04
C GLU A 360 -48.41 -4.28 2.47
N ALA A 361 -47.42 -3.53 2.95
CA ALA A 361 -47.20 -2.18 2.47
C ALA A 361 -46.90 -2.16 0.97
N ALA A 362 -46.01 -3.06 0.54
CA ALA A 362 -45.67 -3.16 -0.88
C ALA A 362 -46.91 -3.48 -1.72
N THR A 363 -47.72 -4.42 -1.26
CA THR A 363 -48.94 -4.81 -1.98
C THR A 363 -49.95 -3.66 -2.01
N GLU A 364 -50.09 -2.92 -0.92
CA GLU A 364 -50.98 -1.77 -0.89
C GLU A 364 -50.52 -0.66 -1.83
N LEU A 365 -49.22 -0.65 -2.14
CA LEU A 365 -48.65 0.35 -3.04
C LEU A 365 -48.56 -0.19 -4.46
N ASN A 366 -49.15 -1.36 -4.68
CA ASN A 366 -49.16 -1.98 -6.00
C ASN A 366 -47.76 -2.31 -6.50
N LEU A 367 -46.87 -2.65 -5.56
CA LEU A 367 -45.50 -3.01 -5.88
C LEU A 367 -45.30 -4.52 -5.73
N SER A 368 -44.62 -5.13 -6.69
CA SER A 368 -44.31 -6.54 -6.60
C SER A 368 -43.14 -6.73 -5.64
N HIS A 369 -43.11 -7.88 -4.97
CA HIS A 369 -42.08 -8.12 -3.97
C HIS A 369 -41.73 -9.61 -3.92
N LYS A 370 -40.53 -9.91 -3.42
CA LYS A 370 -40.19 -11.28 -3.10
C LYS A 370 -39.41 -11.33 -1.80
N MET A 371 -39.48 -12.49 -1.12
CA MET A 371 -38.69 -12.72 0.08
C MET A 371 -37.27 -13.06 -0.33
N MET A 372 -36.30 -12.48 0.34
CA MET A 372 -34.92 -12.78 0.00
C MET A 372 -33.96 -12.53 1.15
N ILE A 373 -32.74 -13.01 1.00
CA ILE A 373 -31.71 -12.92 2.02
C ILE A 373 -30.77 -11.78 1.67
N SER A 374 -30.18 -11.13 2.66
CA SER A 374 -29.09 -10.20 2.38
C SER A 374 -27.75 -10.93 2.47
N ARG A 375 -26.92 -10.79 1.44
CA ARG A 375 -25.60 -11.40 1.46
C ARG A 375 -24.62 -10.46 2.16
N ALA A 376 -24.79 -9.16 1.91
CA ALA A 376 -24.04 -8.14 2.62
C ALA A 376 -24.50 -8.08 4.07
N TYR A 377 -23.65 -7.55 4.94
CA TYR A 377 -24.07 -7.29 6.31
C TYR A 377 -24.47 -5.83 6.40
N HIS A 378 -25.19 -5.48 7.47
CA HIS A 378 -25.77 -4.14 7.60
C HIS A 378 -25.89 -3.85 9.08
N ASP A 379 -26.13 -2.59 9.42
CA ASP A 379 -26.38 -2.24 10.80
C ASP A 379 -27.59 -3.00 11.36
N SER A 380 -28.51 -3.37 10.46
CA SER A 380 -29.67 -4.19 10.82
C SER A 380 -29.24 -5.47 11.52
N LEU A 381 -28.09 -6.01 11.11
CA LEU A 381 -27.59 -7.24 11.73
C LEU A 381 -27.44 -7.08 13.23
N PHE A 382 -26.94 -5.93 13.66
CA PHE A 382 -26.74 -5.69 15.09
C PHE A 382 -27.93 -5.06 15.80
N MET A 383 -28.70 -4.23 15.09
CA MET A 383 -29.94 -3.70 15.66
C MET A 383 -30.91 -4.83 16.00
N ALA A 384 -30.82 -5.94 15.28
CA ALA A 384 -31.66 -7.11 15.54
C ALA A 384 -31.45 -7.67 16.95
N ARG A 385 -30.32 -7.33 17.57
CA ARG A 385 -30.09 -7.74 18.96
C ARG A 385 -30.88 -6.90 19.96
N ILE A 386 -31.30 -5.71 19.54
CA ILE A 386 -31.97 -4.76 20.42
C ILE A 386 -33.48 -4.81 20.22
N SER A 387 -33.91 -5.02 18.98
CA SER A 387 -35.32 -4.95 18.66
C SER A 387 -35.66 -5.78 17.43
N PRO A 388 -36.96 -6.08 17.24
CA PRO A 388 -37.43 -6.68 15.99
C PRO A 388 -36.89 -5.89 14.80
N MET A 389 -36.44 -6.60 13.77
CA MET A 389 -35.71 -5.96 12.67
C MET A 389 -36.29 -6.38 11.31
N GLY A 390 -36.17 -5.49 10.32
CA GLY A 390 -36.45 -5.87 8.94
C GLY A 390 -35.68 -4.98 7.99
N MET A 391 -35.55 -5.42 6.73
CA MET A 391 -34.96 -4.58 5.71
C MET A 391 -35.81 -4.55 4.44
N ILE A 392 -35.82 -3.40 3.78
CA ILE A 392 -36.42 -3.24 2.47
C ILE A 392 -35.29 -3.11 1.43
N PHE A 393 -35.28 -4.01 0.45
CA PHE A 393 -34.34 -3.89 -0.68
C PHE A 393 -35.00 -3.21 -1.87
N ILE A 394 -34.22 -2.40 -2.58
CA ILE A 394 -34.66 -1.90 -3.87
C ILE A 394 -33.72 -2.41 -4.95
N PRO A 395 -34.19 -2.45 -6.20
CA PRO A 395 -33.31 -3.01 -7.21
C PRO A 395 -32.13 -2.10 -7.51
N CYS A 396 -31.05 -2.69 -8.01
CA CYS A 396 -29.92 -1.88 -8.44
C CYS A 396 -29.33 -2.47 -9.71
N TYR A 397 -28.85 -1.57 -10.56
CA TYR A 397 -28.31 -1.90 -11.87
C TYR A 397 -27.24 -2.98 -11.83
N LYS A 398 -27.51 -4.10 -12.50
CA LYS A 398 -26.56 -5.21 -12.60
C LYS A 398 -26.09 -5.77 -11.25
N GLY A 399 -26.72 -5.35 -10.16
CA GLY A 399 -26.30 -5.78 -8.85
C GLY A 399 -25.04 -5.10 -8.34
N TYR A 400 -24.49 -4.19 -9.13
CA TYR A 400 -23.21 -3.54 -8.79
C TYR A 400 -23.28 -2.80 -7.47
N SER A 401 -22.24 -2.98 -6.65
CA SER A 401 -22.07 -2.18 -5.44
C SER A 401 -20.58 -2.15 -5.09
N HIS A 402 -20.20 -1.22 -4.21
CA HIS A 402 -18.78 -1.02 -3.84
C HIS A 402 -17.92 -0.67 -5.05
N LYS A 403 -18.54 -0.05 -6.04
CA LYS A 403 -17.81 0.52 -7.17
C LYS A 403 -18.67 1.61 -7.77
N PRO A 404 -18.06 2.55 -8.53
CA PRO A 404 -18.83 3.72 -9.00
C PRO A 404 -19.96 3.42 -9.99
N GLU A 405 -20.00 2.20 -10.54
CA GLU A 405 -21.07 1.80 -11.47
C GLU A 405 -22.36 1.48 -10.72
N GLU A 406 -22.29 1.50 -9.40
CA GLU A 406 -23.48 1.31 -8.56
C GLU A 406 -24.57 2.32 -8.91
N TYR A 407 -25.81 1.85 -9.02
CA TYR A 407 -26.91 2.70 -9.48
C TYR A 407 -28.28 2.15 -9.12
N SER A 408 -29.14 3.00 -8.59
CA SER A 408 -30.55 2.70 -8.46
C SER A 408 -31.33 3.93 -8.98
N SER A 409 -32.39 3.70 -9.76
CA SER A 409 -33.09 4.80 -10.41
C SER A 409 -33.89 5.63 -9.42
N PRO A 410 -34.16 6.90 -9.75
CA PRO A 410 -35.02 7.70 -8.86
C PRO A 410 -36.36 7.02 -8.53
N GLU A 411 -36.99 6.34 -9.50
CA GLU A 411 -38.27 5.65 -9.27
C GLU A 411 -38.12 4.49 -8.28
N ASP A 412 -37.05 3.71 -8.43
CA ASP A 412 -36.75 2.62 -7.50
C ASP A 412 -36.51 3.13 -6.09
N MET A 413 -35.77 4.22 -5.95
CA MET A 413 -35.57 4.79 -4.61
C MET A 413 -36.90 5.28 -4.04
N ALA A 414 -37.70 5.95 -4.86
CA ALA A 414 -39.01 6.42 -4.44
C ALA A 414 -39.92 5.28 -3.98
N ASN A 415 -39.89 4.16 -4.70
CA ASN A 415 -40.64 2.98 -4.27
C ASN A 415 -40.21 2.49 -2.89
N GLY A 416 -38.90 2.39 -2.69
CA GLY A 416 -38.38 2.00 -1.39
C GLY A 416 -38.82 2.97 -0.32
N VAL A 417 -38.74 4.27 -0.61
CA VAL A 417 -39.19 5.28 0.34
C VAL A 417 -40.67 5.11 0.71
N LYS A 418 -41.52 4.83 -0.26
CA LYS A 418 -42.95 4.68 0.03
C LYS A 418 -43.23 3.44 0.86
N VAL A 419 -42.56 2.34 0.56
CA VAL A 419 -42.68 1.13 1.38
C VAL A 419 -42.19 1.43 2.81
N LEU A 420 -41.10 2.18 2.93
CA LEU A 420 -40.59 2.54 4.23
C LEU A 420 -41.56 3.41 5.00
N SER A 421 -42.10 4.45 4.34
CA SER A 421 -43.10 5.33 4.96
C SER A 421 -44.30 4.55 5.48
N LEU A 422 -44.83 3.67 4.65
CA LEU A 422 -46.05 2.96 5.00
C LEU A 422 -45.79 1.92 6.08
N THR A 423 -44.62 1.29 6.02
CA THR A 423 -44.25 0.31 7.05
C THR A 423 -44.02 0.99 8.41
N LEU A 424 -43.34 2.13 8.41
CA LEU A 424 -43.19 2.93 9.63
C LEU A 424 -44.55 3.30 10.23
N ALA A 425 -45.51 3.66 9.36
CA ALA A 425 -46.84 4.07 9.80
C ALA A 425 -47.58 2.91 10.44
N LYS A 426 -47.52 1.74 9.81
CA LYS A 426 -48.13 0.54 10.38
C LYS A 426 -47.55 0.19 11.74
N LEU A 427 -46.23 0.27 11.85
CA LEU A 427 -45.55 -0.04 13.09
C LEU A 427 -45.86 1.01 14.15
N SER A 428 -45.94 2.27 13.74
CA SER A 428 -46.21 3.34 14.69
C SER A 428 -47.60 3.22 15.31
N LEU A 429 -48.57 2.82 14.50
CA LEU A 429 -49.96 2.78 14.94
C LEU A 429 -50.32 1.46 15.60
N ASP A 430 -49.41 0.50 15.54
CA ASP A 430 -49.75 -0.88 15.90
C ASP A 430 -50.34 -1.00 17.30
N ASN B 8 57.01 3.81 3.20
CA ASN B 8 56.29 3.90 1.93
C ASN B 8 54.84 4.30 2.13
N LEU B 9 54.11 4.43 1.03
CA LEU B 9 52.77 4.98 1.06
C LEU B 9 51.79 4.10 1.84
N ALA B 10 51.73 2.82 1.48
CA ALA B 10 50.79 1.89 2.10
C ALA B 10 50.89 1.87 3.63
N SER B 11 52.12 1.84 4.14
CA SER B 11 52.34 1.74 5.58
C SER B 11 51.94 3.03 6.29
N SER B 12 51.91 4.14 5.56
CA SER B 12 51.62 5.43 6.17
C SER B 12 50.13 5.73 6.26
N LEU B 13 49.31 4.97 5.54
CA LEU B 13 47.88 5.26 5.48
C LEU B 13 47.19 5.00 6.82
N SER B 14 46.50 6.01 7.33
CA SER B 14 45.83 5.92 8.63
C SER B 14 44.44 6.50 8.52
N VAL B 15 43.42 5.70 8.86
CA VAL B 15 42.04 6.16 8.80
C VAL B 15 41.54 6.53 10.18
N ASP B 16 40.74 7.58 10.26
CA ASP B 16 40.04 7.90 11.49
C ASP B 16 38.77 7.04 11.55
N ALA B 17 38.90 5.80 12.00
CA ALA B 17 37.76 4.88 11.97
C ALA B 17 36.55 5.31 12.81
N PRO B 18 36.75 5.72 14.07
CA PRO B 18 35.58 6.18 14.84
C PRO B 18 34.97 7.43 14.24
N GLY B 19 35.80 8.30 13.68
CA GLY B 19 35.32 9.52 13.05
C GLY B 19 34.44 9.24 11.85
N LEU B 20 34.89 8.32 11.00
CA LEU B 20 34.08 7.90 9.87
C LEU B 20 32.74 7.32 10.34
N GLN B 21 32.78 6.51 11.40
CA GLN B 21 31.56 5.93 11.93
C GLN B 21 30.59 7.00 12.45
N ASN B 22 31.13 8.02 13.12
CA ASN B 22 30.33 9.16 13.56
C ASN B 22 29.62 9.84 12.39
N GLN B 23 30.30 9.97 11.25
CA GLN B 23 29.68 10.61 10.09
C GLN B 23 28.58 9.73 9.49
N ILE B 24 28.82 8.41 9.48
CA ILE B 24 27.79 7.46 9.06
C ILE B 24 26.53 7.63 9.94
N ASP B 25 26.73 7.70 11.25
CA ASP B 25 25.60 7.87 12.17
C ASP B 25 24.89 9.21 11.99
N GLU B 26 25.65 10.28 11.81
CA GLU B 26 25.05 11.61 11.60
C GLU B 26 24.21 11.66 10.32
N LEU B 27 24.76 11.15 9.22
CA LEU B 27 24.02 11.13 7.96
C LEU B 27 22.73 10.31 8.07
N SER B 28 22.76 9.24 8.85
CA SER B 28 21.57 8.40 9.00
C SER B 28 20.42 9.14 9.69
N SER B 29 20.73 10.26 10.34
CA SER B 29 19.68 11.04 10.99
C SER B 29 18.75 11.73 9.97
N PHE B 30 19.24 11.94 8.76
CA PHE B 30 18.41 12.56 7.72
C PHE B 30 17.55 11.51 7.06
N SER B 31 16.42 11.18 7.70
CA SER B 31 15.64 10.00 7.35
C SER B 31 14.16 10.23 7.60
N ASP B 32 13.32 9.68 6.72
CA ASP B 32 11.88 9.70 6.91
C ASP B 32 11.39 8.50 7.73
N ALA B 33 12.31 7.58 8.02
CA ALA B 33 12.01 6.44 8.89
C ALA B 33 12.72 6.61 10.23
N PRO B 34 12.12 6.09 11.31
CA PRO B 34 12.79 6.21 12.61
C PRO B 34 14.00 5.27 12.71
N SER B 35 15.08 5.73 13.34
CA SER B 35 16.27 4.92 13.55
C SER B 35 15.85 3.63 14.25
N PRO B 36 16.53 2.51 13.94
CA PRO B 36 17.74 2.32 13.14
C PRO B 36 17.51 2.22 11.62
N SER B 37 16.26 2.34 11.18
CA SER B 37 15.95 2.31 9.75
C SER B 37 16.23 3.65 9.09
N VAL B 38 16.52 3.60 7.79
CA VAL B 38 16.72 4.83 7.03
C VAL B 38 15.78 4.82 5.84
N THR B 39 15.09 5.93 5.61
CA THR B 39 14.45 6.16 4.33
C THR B 39 14.91 7.51 3.83
N ARG B 40 15.47 7.57 2.63
CA ARG B 40 15.90 8.85 2.10
C ARG B 40 15.78 8.87 0.58
N VAL B 41 14.72 9.51 0.11
CA VAL B 41 14.36 9.46 -1.30
C VAL B 41 14.83 10.70 -2.04
N LEU B 42 15.31 10.48 -3.27
CA LEU B 42 15.76 11.53 -4.18
C LEU B 42 14.89 12.81 -4.18
N TYR B 43 15.55 13.95 -3.98
CA TYR B 43 14.96 15.30 -4.05
C TYR B 43 14.01 15.68 -2.90
N THR B 44 13.76 14.78 -1.95
CA THR B 44 12.97 15.14 -0.77
C THR B 44 13.79 16.02 0.17
N ASP B 45 13.14 16.57 1.19
CA ASP B 45 13.82 17.45 2.14
C ASP B 45 14.99 16.75 2.83
N LYS B 46 14.83 15.46 3.13
CA LYS B 46 15.89 14.70 3.79
C LYS B 46 17.11 14.54 2.87
N ASP B 47 16.83 14.41 1.57
CA ASP B 47 17.90 14.27 0.58
C ASP B 47 18.65 15.59 0.46
N VAL B 48 17.91 16.69 0.49
CA VAL B 48 18.52 18.02 0.44
C VAL B 48 19.45 18.25 1.63
N SER B 49 19.02 17.85 2.82
CA SER B 49 19.85 18.00 4.01
C SER B 49 21.11 17.11 3.98
N ALA B 50 20.96 15.89 3.47
CA ALA B 50 22.09 14.98 3.34
C ALA B 50 23.11 15.51 2.34
N ARG B 51 22.64 16.06 1.23
CA ARG B 51 23.50 16.70 0.23
C ARG B 51 24.35 17.81 0.85
N ARG B 52 23.72 18.70 1.62
CA ARG B 52 24.45 19.80 2.27
C ARG B 52 25.52 19.29 3.22
N TYR B 53 25.18 18.24 3.96
CA TYR B 53 26.12 17.61 4.90
C TYR B 53 27.34 17.10 4.17
N VAL B 54 27.12 16.42 3.05
CA VAL B 54 28.21 15.85 2.28
C VAL B 54 29.05 16.93 1.59
N LYS B 55 28.38 17.94 1.01
CA LYS B 55 29.08 19.03 0.34
C LYS B 55 29.97 19.80 1.31
N ASN B 56 29.51 19.96 2.54
CA ASN B 56 30.32 20.59 3.59
C ASN B 56 31.56 19.77 3.92
N LEU B 57 31.41 18.46 4.01
CA LEU B 57 32.58 17.58 4.21
C LEU B 57 33.59 17.69 3.07
N MET B 58 33.08 17.74 1.83
CA MET B 58 33.95 17.93 0.66
C MET B 58 34.72 19.23 0.75
N ALA B 59 34.05 20.30 1.17
CA ALA B 59 34.69 21.62 1.29
C ALA B 59 35.75 21.59 2.37
N LEU B 60 35.44 20.97 3.51
CA LEU B 60 36.40 20.82 4.59
C LEU B 60 37.63 19.99 4.20
N ALA B 61 37.43 19.05 3.27
CA ALA B 61 38.53 18.24 2.77
C ALA B 61 39.38 18.99 1.75
N GLY B 62 38.99 20.23 1.46
CA GLY B 62 39.72 21.07 0.53
C GLY B 62 39.35 20.84 -0.93
N LEU B 63 38.20 20.23 -1.18
CA LEU B 63 37.81 19.91 -2.55
C LEU B 63 37.08 21.07 -3.24
N THR B 64 37.27 21.20 -4.54
CA THR B 64 36.48 22.15 -5.33
C THR B 64 35.17 21.47 -5.70
N VAL B 65 34.06 22.08 -5.31
CA VAL B 65 32.74 21.45 -5.45
C VAL B 65 31.93 22.09 -6.58
N ARG B 66 31.35 21.25 -7.43
CA ARG B 66 30.44 21.71 -8.47
C ARG B 66 29.29 20.70 -8.57
N GLU B 67 28.18 21.13 -9.18
CA GLU B 67 27.02 20.28 -9.33
C GLU B 67 26.50 20.38 -10.75
N ASP B 68 25.96 19.30 -11.29
CA ASP B 68 25.41 19.38 -12.63
C ASP B 68 23.89 19.56 -12.60
N ALA B 69 23.29 19.53 -13.78
CA ALA B 69 21.88 19.89 -13.93
C ALA B 69 20.90 19.04 -13.12
N VAL B 70 21.25 17.77 -12.86
CA VAL B 70 20.35 16.89 -12.09
C VAL B 70 20.82 16.67 -10.65
N GLY B 71 21.92 17.30 -10.29
CA GLY B 71 22.36 17.23 -8.91
C GLY B 71 23.39 16.17 -8.62
N ASN B 72 24.06 15.65 -9.65
CA ASN B 72 25.29 14.92 -9.40
C ASN B 72 26.27 15.94 -8.83
N ILE B 73 26.97 15.56 -7.77
CA ILE B 73 27.86 16.47 -7.08
C ILE B 73 29.31 16.00 -7.17
N PHE B 74 30.19 16.93 -7.52
CA PHE B 74 31.58 16.59 -7.82
C PHE B 74 32.52 17.35 -6.91
N GLY B 75 33.49 16.65 -6.32
CA GLY B 75 34.49 17.30 -5.49
C GLY B 75 35.89 16.98 -5.95
N LYS B 76 36.60 17.96 -6.48
CA LYS B 76 37.89 17.70 -7.12
C LYS B 76 39.11 18.16 -6.31
N TRP B 77 40.12 17.29 -6.23
CA TRP B 77 41.46 17.61 -5.73
C TRP B 77 42.34 17.74 -6.97
N ASP B 78 42.72 18.96 -7.30
CA ASP B 78 43.50 19.23 -8.51
C ASP B 78 44.88 18.60 -8.45
N GLY B 79 45.22 17.84 -9.49
CA GLY B 79 46.51 17.20 -9.55
C GLY B 79 47.59 18.08 -10.16
N LEU B 80 48.80 17.53 -10.23
CA LEU B 80 49.96 18.27 -10.74
C LEU B 80 49.90 18.40 -12.26
N GLU B 81 49.09 17.54 -12.87
CA GLU B 81 48.84 17.62 -14.31
C GLU B 81 47.33 17.67 -14.50
N PRO B 82 46.69 18.80 -14.18
CA PRO B 82 45.22 18.84 -14.09
C PRO B 82 44.48 18.65 -15.42
N ASN B 83 45.17 18.82 -16.55
CA ASN B 83 44.53 18.66 -17.85
C ASN B 83 44.24 17.21 -18.21
N LEU B 84 44.95 16.28 -17.58
CA LEU B 84 44.71 14.85 -17.78
C LEU B 84 43.33 14.41 -17.27
N PRO B 85 42.72 13.44 -17.95
CA PRO B 85 41.51 12.79 -17.40
C PRO B 85 41.74 12.35 -15.95
N ALA B 86 40.82 12.73 -15.07
CA ALA B 86 40.98 12.49 -13.64
C ALA B 86 40.62 11.04 -13.27
N VAL B 87 41.03 10.63 -12.07
CA VAL B 87 40.57 9.37 -11.50
C VAL B 87 39.36 9.69 -10.61
N ALA B 88 38.24 9.04 -10.89
CA ALA B 88 37.00 9.36 -10.19
C ALA B 88 36.59 8.24 -9.25
N THR B 89 35.90 8.60 -8.17
CA THR B 89 35.34 7.60 -7.28
C THR B 89 34.08 8.15 -6.65
N GLY B 90 33.17 7.28 -6.23
CA GLY B 90 31.98 7.76 -5.54
C GLY B 90 30.87 6.73 -5.50
N SER B 91 29.72 7.16 -4.98
CA SER B 91 28.58 6.27 -4.80
C SER B 91 27.37 7.16 -4.55
N HIS B 92 26.32 6.60 -3.94
CA HIS B 92 25.08 7.36 -3.75
C HIS B 92 24.76 7.45 -2.27
N ILE B 93 23.86 8.36 -1.90
CA ILE B 93 23.44 8.41 -0.50
C ILE B 93 21.94 8.25 -0.31
N ASP B 94 21.19 8.01 -1.38
CA ASP B 94 19.76 7.75 -1.20
C ASP B 94 19.54 6.34 -0.62
N ALA B 95 18.40 6.13 0.02
CA ALA B 95 18.13 4.89 0.72
C ALA B 95 16.67 4.51 0.49
N ILE B 96 16.43 3.27 0.07
CA ILE B 96 15.06 2.80 -0.14
C ILE B 96 14.35 2.73 1.21
N PRO B 97 13.00 2.67 1.21
CA PRO B 97 12.27 2.65 2.49
C PRO B 97 12.74 1.56 3.47
N TYR B 98 12.97 1.96 4.73
CA TYR B 98 13.37 1.04 5.79
C TYR B 98 14.58 0.20 5.45
N SER B 99 15.65 0.87 5.04
CA SER B 99 16.90 0.19 4.73
C SER B 99 17.96 0.58 5.76
N GLY B 100 19.23 0.34 5.44
CA GLY B 100 20.31 0.60 6.39
C GLY B 100 21.08 1.88 6.16
N LYS B 101 22.19 2.02 6.91
CA LYS B 101 22.99 3.25 6.94
C LYS B 101 24.28 3.17 6.13
N TYR B 102 24.57 2.01 5.54
CA TYR B 102 25.90 1.77 4.94
C TYR B 102 25.90 1.69 3.41
N ASP B 103 24.82 1.13 2.86
CA ASP B 103 24.63 1.04 1.42
C ASP B 103 24.82 2.41 0.78
N GLY B 104 25.77 2.50 -0.15
CA GLY B 104 26.08 3.74 -0.84
C GLY B 104 26.89 4.72 0.01
N VAL B 105 26.44 4.97 1.23
CA VAL B 105 27.06 5.99 2.07
C VAL B 105 28.55 5.73 2.31
N VAL B 106 28.92 4.46 2.51
CA VAL B 106 30.32 4.10 2.74
C VAL B 106 31.21 4.57 1.58
N GLY B 107 30.72 4.45 0.36
CA GLY B 107 31.50 4.83 -0.80
C GLY B 107 31.52 6.33 -1.05
N VAL B 108 30.64 7.06 -0.38
CA VAL B 108 30.68 8.52 -0.45
C VAL B 108 31.53 9.06 0.70
N LEU B 109 31.12 8.81 1.93
CA LEU B 109 31.89 9.29 3.08
C LEU B 109 33.28 8.64 3.11
N GLY B 110 33.36 7.39 2.68
CA GLY B 110 34.65 6.72 2.64
C GLY B 110 35.58 7.27 1.57
N ALA B 111 35.00 7.82 0.50
CA ALA B 111 35.82 8.43 -0.55
C ALA B 111 36.38 9.77 -0.06
N ILE B 112 35.56 10.52 0.68
CA ILE B 112 36.03 11.75 1.28
C ILE B 112 37.13 11.44 2.30
N GLU B 113 36.92 10.41 3.12
CA GLU B 113 37.95 9.99 4.06
C GLU B 113 39.24 9.54 3.34
N ALA B 114 39.10 8.88 2.20
CA ALA B 114 40.29 8.47 1.42
C ALA B 114 41.12 9.68 0.98
N ILE B 115 40.44 10.75 0.59
CA ILE B 115 41.11 12.01 0.25
C ILE B 115 41.85 12.55 1.47
N ASN B 116 41.19 12.55 2.62
CA ASN B 116 41.80 13.03 3.86
C ASN B 116 42.99 12.17 4.27
N VAL B 117 42.86 10.85 4.04
CA VAL B 117 43.94 9.92 4.30
C VAL B 117 45.16 10.18 3.40
N LEU B 118 44.91 10.39 2.11
CA LEU B 118 46.01 10.65 1.18
C LEU B 118 46.70 11.98 1.51
N LYS B 119 45.92 12.98 1.91
CA LYS B 119 46.48 14.27 2.30
C LYS B 119 47.36 14.16 3.54
N ARG B 120 46.90 13.41 4.54
CA ARG B 120 47.68 13.20 5.75
C ARG B 120 49.01 12.52 5.45
N SER B 121 49.03 11.66 4.43
CA SER B 121 50.24 10.94 4.06
C SER B 121 51.16 11.75 3.14
N GLY B 122 50.73 12.96 2.77
CA GLY B 122 51.53 13.80 1.91
C GLY B 122 51.56 13.34 0.46
N PHE B 123 50.56 12.56 0.07
CA PHE B 123 50.48 12.10 -1.32
C PHE B 123 50.15 13.27 -2.24
N LYS B 124 50.81 13.33 -3.40
CA LYS B 124 50.59 14.39 -4.38
C LYS B 124 50.14 13.79 -5.72
N PRO B 125 48.84 13.89 -6.01
CA PRO B 125 48.35 13.24 -7.23
C PRO B 125 48.88 13.90 -8.51
N LYS B 126 49.18 13.07 -9.52
CA LYS B 126 49.49 13.60 -10.84
C LYS B 126 48.18 13.88 -11.58
N ARG B 127 47.42 12.83 -11.88
CA ARG B 127 46.03 13.03 -12.30
C ARG B 127 45.19 13.50 -11.12
N SER B 128 44.29 14.44 -11.37
CA SER B 128 43.37 14.91 -10.35
C SER B 128 42.54 13.76 -9.80
N LEU B 129 42.08 13.90 -8.56
CA LEU B 129 41.15 12.95 -7.99
C LEU B 129 39.81 13.66 -7.85
N GLU B 130 38.74 13.00 -8.29
CA GLU B 130 37.43 13.60 -8.18
C GLU B 130 36.41 12.66 -7.54
N ILE B 131 35.75 13.15 -6.50
CA ILE B 131 34.71 12.37 -5.84
C ILE B 131 33.35 12.73 -6.41
N ILE B 132 32.54 11.73 -6.68
CA ILE B 132 31.22 11.96 -7.25
C ILE B 132 30.18 11.49 -6.27
N LEU B 133 29.31 12.40 -5.84
CA LEU B 133 28.07 11.98 -5.19
C LEU B 133 27.01 11.87 -6.27
N PHE B 134 26.67 10.64 -6.66
CA PHE B 134 25.62 10.44 -7.66
C PHE B 134 24.27 10.90 -7.12
N THR B 135 23.49 11.56 -7.95
CA THR B 135 22.28 12.20 -7.46
C THR B 135 21.27 11.21 -6.89
N SER B 136 21.34 9.97 -7.37
CA SER B 136 20.45 8.91 -6.89
C SER B 136 20.83 7.60 -7.57
N ALA B 137 20.83 6.50 -6.82
CA ALA B 137 21.04 5.19 -7.40
C ALA B 137 19.80 4.33 -7.30
N GLU B 138 18.94 4.60 -6.31
CA GLU B 138 17.79 3.73 -6.06
C GLU B 138 16.59 4.13 -6.91
N PRO B 139 15.78 3.14 -7.33
CA PRO B 139 14.66 3.40 -8.24
C PRO B 139 13.37 3.82 -7.53
N THR B 140 13.44 4.11 -6.23
CA THR B 140 12.27 4.39 -5.40
C THR B 140 11.29 5.44 -5.94
N ARG B 141 11.81 6.61 -6.30
CA ARG B 141 10.90 7.71 -6.63
C ARG B 141 10.28 7.59 -8.03
N PHE B 142 11.10 7.34 -9.04
CA PHE B 142 10.63 7.40 -10.42
C PHE B 142 10.63 6.07 -11.15
N GLY B 143 10.98 5.00 -10.44
CA GLY B 143 11.10 3.69 -11.06
C GLY B 143 12.42 3.53 -11.82
N ILE B 144 13.26 4.55 -11.78
CA ILE B 144 14.49 4.57 -12.56
C ILE B 144 15.70 4.42 -11.64
N SER B 145 16.46 3.35 -11.82
CA SER B 145 17.66 3.16 -11.01
C SER B 145 18.80 3.97 -11.60
N CYS B 146 19.79 4.31 -10.76
CA CYS B 146 21.00 4.98 -11.22
C CYS B 146 20.72 6.15 -12.14
N LEU B 147 19.78 7.01 -11.74
CA LEU B 147 19.32 8.10 -12.59
C LEU B 147 20.49 8.99 -12.99
N GLY B 148 21.34 9.32 -12.02
CA GLY B 148 22.48 10.17 -12.27
C GLY B 148 23.54 9.56 -13.18
N SER B 149 23.95 8.32 -12.92
CA SER B 149 25.00 7.71 -13.73
C SER B 149 24.53 7.31 -15.13
N ARG B 150 23.26 6.94 -15.27
CA ARG B 150 22.70 6.66 -16.60
C ARG B 150 22.80 7.90 -17.47
N LEU B 151 22.59 9.07 -16.88
CA LEU B 151 22.72 10.33 -17.60
C LEU B 151 24.18 10.71 -17.87
N LEU B 152 25.06 10.49 -16.89
CA LEU B 152 26.48 10.75 -17.13
C LEU B 152 26.97 9.91 -18.29
N ALA B 153 26.43 8.69 -18.40
CA ALA B 153 26.84 7.77 -19.46
C ALA B 153 26.12 8.04 -20.79
N GLY B 154 25.35 9.11 -20.85
CA GLY B 154 24.83 9.61 -22.12
C GLY B 154 23.53 9.03 -22.66
N SER B 155 22.65 8.57 -21.78
CA SER B 155 21.38 8.00 -22.24
C SER B 155 20.42 9.09 -22.76
N LYS B 156 20.33 9.20 -24.08
CA LYS B 156 19.43 10.19 -24.68
C LYS B 156 17.98 9.87 -24.36
N GLU B 157 17.65 8.58 -24.35
CA GLU B 157 16.29 8.15 -24.12
C GLU B 157 15.83 8.56 -22.73
N LEU B 158 16.72 8.45 -21.74
CA LEU B 158 16.38 8.82 -20.37
C LEU B 158 16.22 10.33 -20.25
N ALA B 159 17.14 11.08 -20.85
CA ALA B 159 17.09 12.53 -20.84
C ALA B 159 15.76 13.03 -21.43
N GLU B 160 15.37 12.44 -22.55
CA GLU B 160 14.11 12.78 -23.21
C GLU B 160 12.92 12.42 -22.31
N ALA B 161 12.94 11.22 -21.73
CA ALA B 161 11.88 10.78 -20.84
C ALA B 161 11.74 11.69 -19.61
N LEU B 162 12.86 12.06 -19.00
CA LEU B 162 12.82 12.89 -17.80
C LEU B 162 12.24 14.28 -18.08
N LYS B 163 12.46 14.77 -19.29
CA LYS B 163 11.94 16.09 -19.68
C LYS B 163 10.46 16.07 -20.05
N THR B 164 9.97 14.92 -20.50
CA THR B 164 8.65 14.90 -21.12
C THR B 164 7.57 14.11 -20.36
N THR B 165 7.92 12.95 -19.81
CA THR B 165 6.90 12.05 -19.30
C THR B 165 7.05 11.61 -17.84
N VAL B 166 8.26 11.59 -17.31
CA VAL B 166 8.50 10.94 -16.01
C VAL B 166 7.88 11.69 -14.84
N VAL B 167 7.08 10.95 -14.06
CA VAL B 167 6.51 11.46 -12.82
C VAL B 167 6.65 10.39 -11.74
N ASP B 168 6.50 10.79 -10.47
CA ASP B 168 6.51 9.82 -9.39
C ASP B 168 5.10 9.32 -9.08
N GLY B 169 4.95 8.57 -7.99
CA GLY B 169 3.66 7.98 -7.64
C GLY B 169 2.64 8.98 -7.12
N GLN B 170 3.05 10.23 -6.96
CA GLN B 170 2.13 11.29 -6.56
C GLN B 170 1.94 12.24 -7.74
N ASN B 171 2.33 11.77 -8.92
CA ASN B 171 2.24 12.55 -10.15
C ASN B 171 3.05 13.85 -10.17
N VAL B 172 4.10 13.90 -9.34
CA VAL B 172 5.05 15.01 -9.35
C VAL B 172 6.10 14.74 -10.44
N SER B 173 6.30 15.70 -11.34
CA SER B 173 7.22 15.49 -12.45
C SER B 173 8.67 15.50 -11.97
N PHE B 174 9.53 14.82 -12.70
CA PHE B 174 10.95 14.82 -12.38
C PHE B 174 11.49 16.24 -12.30
N ILE B 175 11.14 17.06 -13.28
CA ILE B 175 11.59 18.45 -13.32
C ILE B 175 11.12 19.26 -12.11
N GLU B 176 9.85 19.11 -11.76
CA GLU B 176 9.32 19.79 -10.59
C GLU B 176 10.04 19.38 -9.31
N ALA B 177 10.29 18.09 -9.16
CA ALA B 177 10.99 17.58 -7.98
C ALA B 177 12.44 18.07 -7.96
N ALA B 178 13.11 17.99 -9.10
CA ALA B 178 14.47 18.47 -9.21
C ALA B 178 14.54 19.95 -8.86
N ARG B 179 13.66 20.76 -9.44
CA ARG B 179 13.65 22.20 -9.16
C ARG B 179 13.38 22.51 -7.70
N SER B 180 12.50 21.73 -7.08
CA SER B 180 12.24 21.86 -5.64
C SER B 180 13.51 21.70 -4.79
N ALA B 181 14.44 20.89 -5.28
CA ALA B 181 15.70 20.63 -4.57
C ALA B 181 16.82 21.59 -5.00
N GLY B 182 16.54 22.46 -5.96
CA GLY B 182 17.50 23.45 -6.41
C GLY B 182 18.23 23.10 -7.70
N TYR B 183 17.70 22.15 -8.45
CA TYR B 183 18.36 21.70 -9.67
C TYR B 183 17.49 21.94 -10.90
N ALA B 184 18.02 21.60 -12.08
CA ALA B 184 17.34 21.79 -13.36
C ALA B 184 16.71 23.19 -13.50
N GLU B 185 17.48 24.22 -13.16
CA GLU B 185 16.96 25.58 -13.19
C GLU B 185 17.06 26.24 -14.57
N ASP B 186 17.71 25.55 -15.52
CA ASP B 186 17.76 26.03 -16.90
C ASP B 186 16.63 25.38 -17.69
N LYS B 187 15.69 26.20 -18.15
CA LYS B 187 14.55 25.70 -18.92
C LYS B 187 14.98 25.17 -20.29
N ASP B 188 16.07 25.74 -20.82
CA ASP B 188 16.51 25.45 -22.17
C ASP B 188 17.46 24.24 -22.27
N ASP B 189 17.59 23.49 -21.18
CA ASP B 189 18.48 22.33 -21.16
C ASP B 189 17.72 21.02 -21.37
N ASP B 190 18.14 20.25 -22.37
CA ASP B 190 17.53 18.96 -22.63
C ASP B 190 18.22 17.88 -21.79
N LEU B 191 18.92 18.34 -20.75
CA LEU B 191 19.67 17.48 -19.83
C LEU B 191 20.91 16.84 -20.45
N SER B 192 21.13 17.08 -21.74
CA SER B 192 22.31 16.56 -22.42
C SER B 192 23.58 17.19 -21.87
N SER B 193 23.42 18.29 -21.12
CA SER B 193 24.56 18.94 -20.51
C SER B 193 25.21 18.05 -19.46
N VAL B 194 24.46 17.07 -18.96
CA VAL B 194 24.97 16.15 -17.93
C VAL B 194 25.94 15.13 -18.53
N PHE B 195 25.76 14.82 -19.81
CA PHE B 195 26.54 13.76 -20.49
C PHE B 195 28.04 13.96 -20.39
N LEU B 196 28.77 12.90 -20.06
CA LEU B 196 30.23 12.94 -20.07
C LEU B 196 30.76 12.30 -21.35
N LYS B 197 31.86 12.82 -21.87
CA LYS B 197 32.53 12.18 -22.99
C LYS B 197 33.17 10.87 -22.54
N LYS B 198 33.12 9.85 -23.40
CA LYS B 198 33.85 8.62 -23.12
C LYS B 198 35.33 8.96 -22.96
N GLY B 199 35.96 8.45 -21.90
CA GLY B 199 37.36 8.74 -21.64
C GLY B 199 37.63 10.02 -20.86
N SER B 200 36.59 10.75 -20.46
CA SER B 200 36.82 11.99 -19.70
C SER B 200 37.38 11.73 -18.30
N TYR B 201 37.16 10.52 -17.80
CA TYR B 201 37.85 10.01 -16.61
C TYR B 201 38.81 8.90 -17.02
N PHE B 202 39.99 8.87 -16.38
CA PHE B 202 40.96 7.81 -16.60
C PHE B 202 40.42 6.48 -16.09
N ALA B 203 39.74 6.53 -14.95
CA ALA B 203 39.15 5.35 -14.35
C ALA B 203 38.13 5.81 -13.34
N PHE B 204 37.23 4.90 -12.99
CA PHE B 204 36.23 5.16 -11.96
C PHE B 204 36.20 3.99 -10.98
N LEU B 205 36.25 4.29 -9.69
CA LEU B 205 36.27 3.27 -8.63
C LEU B 205 35.08 3.48 -7.70
N GLU B 206 34.46 2.40 -7.25
CA GLU B 206 33.40 2.54 -6.25
C GLU B 206 33.66 1.61 -5.08
N LEU B 207 33.75 2.19 -3.87
CA LEU B 207 33.83 1.42 -2.64
C LEU B 207 32.40 1.16 -2.17
N HIS B 208 32.12 -0.09 -1.80
CA HIS B 208 30.75 -0.46 -1.43
C HIS B 208 30.74 -1.69 -0.51
N ILE B 209 29.79 -1.74 0.42
CA ILE B 209 29.62 -2.96 1.19
C ILE B 209 29.21 -4.10 0.24
N GLU B 210 29.63 -5.33 0.54
CA GLU B 210 29.41 -6.46 -0.34
C GLU B 210 27.93 -6.72 -0.61
N GLN B 211 27.10 -6.50 0.41
CA GLN B 211 25.69 -6.86 0.38
C GLN B 211 25.49 -8.36 0.19
N GLY B 212 26.48 -9.13 0.62
CA GLY B 212 26.37 -10.58 0.64
C GLY B 212 27.31 -11.11 1.70
N PRO B 213 27.22 -12.42 2.02
CA PRO B 213 27.95 -12.99 3.15
C PRO B 213 29.29 -13.61 2.80
N ILE B 214 29.72 -13.49 1.55
CA ILE B 214 30.88 -14.24 1.06
C ILE B 214 32.17 -13.87 1.78
N LEU B 215 32.49 -12.57 1.82
CA LEU B 215 33.73 -12.15 2.45
C LEU B 215 33.70 -12.51 3.93
N GLU B 216 32.57 -12.29 4.57
CA GLU B 216 32.44 -12.65 5.98
C GLU B 216 32.59 -14.16 6.21
N ASP B 217 31.90 -14.97 5.41
CA ASP B 217 31.92 -16.43 5.58
C ASP B 217 33.29 -17.02 5.31
N GLU B 218 34.02 -16.44 4.36
CA GLU B 218 35.35 -16.96 3.99
C GLU B 218 36.46 -16.37 4.86
N GLY B 219 36.13 -15.33 5.61
CA GLY B 219 37.11 -14.72 6.49
C GLY B 219 38.11 -13.86 5.74
N LEU B 220 37.64 -13.14 4.73
CA LEU B 220 38.50 -12.32 3.88
C LEU B 220 38.25 -10.84 4.12
N ASP B 221 39.25 -10.01 3.87
CA ASP B 221 39.14 -8.58 4.17
C ASP B 221 38.47 -7.77 3.05
N ILE B 222 38.73 -8.14 1.79
CA ILE B 222 38.43 -7.27 0.67
C ILE B 222 37.94 -8.09 -0.52
N GLY B 223 36.91 -7.60 -1.22
CA GLY B 223 36.50 -8.20 -2.47
C GLY B 223 36.93 -7.30 -3.62
N VAL B 224 37.61 -7.87 -4.61
CA VAL B 224 37.96 -7.14 -5.83
C VAL B 224 36.92 -7.50 -6.87
N VAL B 225 36.06 -6.56 -7.23
CA VAL B 225 34.92 -6.88 -8.06
C VAL B 225 35.32 -7.01 -9.53
N THR B 226 34.90 -8.12 -10.17
CA THR B 226 35.30 -8.40 -11.55
C THR B 226 34.19 -8.09 -12.56
N ALA B 227 32.96 -8.03 -12.06
CA ALA B 227 31.81 -7.78 -12.92
C ALA B 227 30.57 -7.48 -12.09
N ILE B 228 29.56 -6.94 -12.75
CA ILE B 228 28.29 -6.59 -12.11
C ILE B 228 27.21 -7.29 -12.93
N ALA B 229 26.34 -8.02 -12.23
CA ALA B 229 25.26 -8.81 -12.85
C ALA B 229 24.28 -7.93 -13.60
N ALA B 230 23.57 -8.53 -14.56
CA ALA B 230 22.65 -7.82 -15.45
C ALA B 230 21.26 -7.66 -14.84
N PRO B 231 20.85 -6.41 -14.57
CA PRO B 231 19.59 -6.17 -13.87
C PRO B 231 18.43 -5.79 -14.80
N ALA B 232 17.23 -6.25 -14.45
CA ALA B 232 16.02 -5.84 -15.17
C ALA B 232 14.89 -5.61 -14.18
N SER B 233 13.91 -4.80 -14.58
CA SER B 233 12.70 -4.65 -13.78
C SER B 233 11.48 -4.52 -14.68
N LEU B 234 10.33 -4.95 -14.15
CA LEU B 234 9.10 -5.05 -14.92
C LEU B 234 7.96 -4.47 -14.09
N LYS B 235 6.97 -3.87 -14.76
CA LYS B 235 5.74 -3.45 -14.10
C LYS B 235 4.58 -4.17 -14.77
N VAL B 236 3.68 -4.72 -13.96
CA VAL B 236 2.56 -5.51 -14.47
C VAL B 236 1.29 -4.99 -13.84
N GLU B 237 0.23 -4.84 -14.63
CA GLU B 237 -1.09 -4.53 -14.08
C GLU B 237 -2.14 -5.50 -14.64
N PHE B 238 -3.03 -5.96 -13.76
CA PHE B 238 -4.20 -6.75 -14.15
C PHE B 238 -5.45 -5.94 -13.81
N GLU B 239 -6.51 -6.07 -14.61
CA GLU B 239 -7.76 -5.35 -14.33
C GLU B 239 -8.96 -6.28 -14.39
N GLY B 240 -9.81 -6.22 -13.37
CA GLY B 240 -11.03 -7.00 -13.35
C GLY B 240 -12.22 -6.09 -13.07
N ASN B 241 -13.38 -6.67 -12.77
CA ASN B 241 -14.60 -5.87 -12.61
C ASN B 241 -14.81 -5.35 -11.18
N GLY B 242 -14.18 -5.99 -10.21
CA GLY B 242 -14.37 -5.65 -8.82
C GLY B 242 -15.82 -5.80 -8.38
N GLY B 243 -16.15 -5.19 -7.25
CA GLY B 243 -17.49 -5.30 -6.72
C GLY B 243 -17.50 -5.75 -5.28
N HIS B 244 -18.69 -6.10 -4.81
CA HIS B 244 -18.94 -6.34 -3.40
C HIS B 244 -18.45 -7.72 -2.95
N ALA B 245 -17.50 -7.75 -2.01
CA ALA B 245 -16.90 -9.02 -1.57
C ALA B 245 -17.91 -9.99 -0.93
N GLY B 246 -18.98 -9.45 -0.37
CA GLY B 246 -19.96 -10.30 0.28
C GLY B 246 -21.03 -10.81 -0.68
N ALA B 247 -21.33 -10.03 -1.71
CA ALA B 247 -22.49 -10.30 -2.57
C ALA B 247 -22.20 -10.96 -3.92
N VAL B 248 -21.01 -10.73 -4.47
CA VAL B 248 -20.66 -11.31 -5.77
C VAL B 248 -20.23 -12.76 -5.56
N LEU B 249 -21.03 -13.70 -6.05
CA LEU B 249 -20.73 -15.11 -5.81
C LEU B 249 -19.50 -15.53 -6.60
N MET B 250 -18.77 -16.52 -6.09
CA MET B 250 -17.46 -16.89 -6.67
C MET B 250 -17.43 -17.17 -8.18
N PRO B 251 -18.45 -17.88 -8.72
CA PRO B 251 -18.38 -18.17 -10.16
C PRO B 251 -18.41 -16.94 -11.07
N TYR B 252 -18.78 -15.77 -10.54
CA TYR B 252 -18.93 -14.56 -11.36
C TYR B 252 -17.74 -13.60 -11.26
N ARG B 253 -16.73 -14.01 -10.51
CA ARG B 253 -15.60 -13.11 -10.22
C ARG B 253 -14.50 -13.15 -11.26
N ASN B 254 -13.76 -12.05 -11.37
CA ASN B 254 -12.49 -12.04 -12.05
C ASN B 254 -11.50 -11.22 -11.21
N ASP B 255 -10.98 -11.87 -10.17
CA ASP B 255 -10.26 -11.24 -9.06
C ASP B 255 -8.84 -10.86 -9.45
N ALA B 256 -8.57 -9.57 -9.56
CA ALA B 256 -7.25 -9.14 -10.03
C ALA B 256 -6.18 -9.47 -8.99
N GLY B 257 -6.58 -9.52 -7.73
CA GLY B 257 -5.66 -9.86 -6.67
C GLY B 257 -5.15 -11.29 -6.76
N LEU B 258 -6.04 -12.21 -7.13
CA LEU B 258 -5.63 -13.60 -7.28
C LEU B 258 -4.75 -13.77 -8.53
N ALA B 259 -5.02 -12.99 -9.58
CA ALA B 259 -4.12 -12.99 -10.75
C ALA B 259 -2.71 -12.57 -10.35
N ALA B 260 -2.60 -11.53 -9.52
CA ALA B 260 -1.30 -11.06 -9.02
C ALA B 260 -0.60 -12.13 -8.17
N ALA B 261 -1.36 -12.76 -7.28
CA ALA B 261 -0.83 -13.83 -6.45
C ALA B 261 -0.25 -14.94 -7.31
N GLU B 262 -0.98 -15.32 -8.34
CA GLU B 262 -0.51 -16.37 -9.24
C GLU B 262 0.73 -15.93 -10.01
N LEU B 263 0.78 -14.67 -10.44
CA LEU B 263 1.96 -14.21 -11.17
C LEU B 263 3.19 -14.15 -10.26
N ALA B 264 3.01 -13.74 -9.00
CA ALA B 264 4.12 -13.68 -8.06
C ALA B 264 4.72 -15.06 -7.87
N LEU B 265 3.86 -16.07 -7.76
CA LEU B 265 4.33 -17.44 -7.64
C LEU B 265 5.00 -17.95 -8.92
N ALA B 266 4.51 -17.49 -10.07
CA ALA B 266 5.10 -17.87 -11.35
C ALA B 266 6.51 -17.29 -11.50
N VAL B 267 6.71 -16.06 -11.00
CA VAL B 267 8.04 -15.45 -11.01
C VAL B 267 9.04 -16.35 -10.28
N GLU B 268 8.69 -16.77 -9.06
CA GLU B 268 9.52 -17.72 -8.32
C GLU B 268 9.79 -18.99 -9.13
N LYS B 269 8.74 -19.59 -9.68
CA LYS B 269 8.87 -20.81 -10.47
C LYS B 269 9.83 -20.66 -11.66
N HIS B 270 9.71 -19.56 -12.40
CA HIS B 270 10.55 -19.36 -13.59
C HIS B 270 12.03 -19.11 -13.24
N VAL B 271 12.26 -18.40 -12.13
CA VAL B 271 13.61 -18.22 -11.62
C VAL B 271 14.24 -19.57 -11.25
N LEU B 272 13.49 -20.41 -10.54
CA LEU B 272 13.99 -21.72 -10.16
C LEU B 272 14.20 -22.63 -11.38
N GLU B 273 13.42 -22.40 -12.43
CA GLU B 273 13.58 -23.17 -13.67
C GLU B 273 14.92 -22.93 -14.38
N SER B 274 15.63 -21.86 -14.03
CA SER B 274 16.86 -21.55 -14.74
C SER B 274 17.94 -22.58 -14.41
N GLU B 275 17.76 -23.24 -13.28
CA GLU B 275 18.70 -24.25 -12.76
C GLU B 275 20.05 -23.66 -12.33
N SER B 276 20.14 -22.33 -12.26
CA SER B 276 21.35 -21.70 -11.75
C SER B 276 21.09 -20.90 -10.49
N ILE B 277 21.96 -21.04 -9.50
CA ILE B 277 21.83 -20.31 -8.25
C ILE B 277 22.08 -18.81 -8.43
N ASP B 278 22.63 -18.44 -9.58
CA ASP B 278 22.89 -17.03 -9.88
C ASP B 278 21.66 -16.25 -10.36
N THR B 279 20.58 -16.95 -10.68
CA THR B 279 19.34 -16.29 -11.12
C THR B 279 18.51 -15.88 -9.91
N VAL B 280 18.04 -14.63 -9.90
CA VAL B 280 17.14 -14.18 -8.84
C VAL B 280 15.94 -13.45 -9.43
N GLY B 281 14.83 -13.46 -8.69
CA GLY B 281 13.65 -12.73 -9.10
C GLY B 281 12.79 -12.48 -7.88
N THR B 282 12.18 -11.31 -7.81
CA THR B 282 11.48 -10.90 -6.60
C THR B 282 10.28 -10.04 -6.98
N VAL B 283 9.19 -10.21 -6.25
CA VAL B 283 8.09 -9.26 -6.32
C VAL B 283 8.15 -8.43 -5.04
N GLY B 284 8.74 -7.25 -5.13
CA GLY B 284 8.90 -6.41 -3.95
C GLY B 284 7.72 -5.47 -3.76
N ILE B 285 6.92 -5.31 -4.81
CA ILE B 285 5.74 -4.46 -4.72
C ILE B 285 4.56 -5.20 -5.31
N LEU B 286 3.50 -5.30 -4.52
CA LEU B 286 2.24 -5.85 -4.99
C LEU B 286 1.12 -5.03 -4.33
N GLU B 287 0.43 -4.23 -5.13
CA GLU B 287 -0.64 -3.35 -4.62
C GLU B 287 -1.99 -3.75 -5.18
N LEU B 288 -3.00 -3.80 -4.31
CA LEU B 288 -4.36 -4.05 -4.75
C LEU B 288 -5.19 -2.77 -4.72
N HIS B 289 -6.08 -2.63 -5.71
CA HIS B 289 -7.02 -1.51 -5.75
C HIS B 289 -8.44 -2.08 -5.87
N PRO B 290 -9.39 -1.53 -5.11
CA PRO B 290 -9.30 -0.34 -4.23
C PRO B 290 -8.55 -0.53 -2.93
N GLY B 291 -8.22 -1.76 -2.56
CA GLY B 291 -7.52 -1.99 -1.31
C GLY B 291 -8.40 -1.85 -0.06
N ALA B 292 -9.61 -2.41 -0.14
CA ALA B 292 -10.51 -2.43 0.99
C ALA B 292 -10.89 -3.90 1.23
N ILE B 293 -11.02 -4.29 2.50
CA ILE B 293 -11.26 -5.69 2.85
C ILE B 293 -12.53 -6.25 2.19
N ASN B 294 -13.54 -5.39 2.01
CA ASN B 294 -14.82 -5.83 1.48
C ASN B 294 -15.11 -5.37 0.04
N SER B 295 -14.03 -5.18 -0.71
CA SER B 295 -14.09 -4.79 -2.10
C SER B 295 -13.20 -5.73 -2.92
N ILE B 296 -13.77 -6.47 -3.87
CA ILE B 296 -12.95 -7.37 -4.68
C ILE B 296 -12.00 -6.53 -5.53
N PRO B 297 -10.68 -6.83 -5.46
CA PRO B 297 -9.72 -6.01 -6.21
C PRO B 297 -10.04 -5.97 -7.70
N SER B 298 -10.12 -4.76 -8.26
CA SER B 298 -10.41 -4.61 -9.67
C SER B 298 -9.14 -4.26 -10.43
N LYS B 299 -8.08 -3.94 -9.70
CA LYS B 299 -6.78 -3.70 -10.31
C LYS B 299 -5.69 -4.22 -9.37
N SER B 300 -4.67 -4.84 -9.93
CA SER B 300 -3.51 -5.19 -9.13
C SER B 300 -2.27 -4.71 -9.85
N HIS B 301 -1.24 -4.37 -9.08
CA HIS B 301 -0.02 -3.79 -9.63
C HIS B 301 1.16 -4.53 -9.01
N LEU B 302 2.05 -5.05 -9.85
CA LEU B 302 3.24 -5.75 -9.38
C LEU B 302 4.46 -5.07 -9.97
N GLU B 303 5.51 -4.95 -9.17
CA GLU B 303 6.79 -4.53 -9.71
C GLU B 303 7.81 -5.62 -9.39
N ILE B 304 8.47 -6.10 -10.44
CA ILE B 304 9.25 -7.32 -10.38
C ILE B 304 10.69 -7.00 -10.72
N ASP B 305 11.59 -7.49 -9.88
CA ASP B 305 13.02 -7.34 -10.06
C ASP B 305 13.56 -8.70 -10.45
N THR B 306 14.37 -8.78 -11.50
CA THR B 306 15.01 -10.06 -11.85
C THR B 306 16.37 -9.83 -12.49
N ARG B 307 17.32 -10.69 -12.16
CA ARG B 307 18.72 -10.49 -12.53
C ARG B 307 19.43 -11.82 -12.69
N ASP B 308 20.55 -11.78 -13.41
CA ASP B 308 21.43 -12.94 -13.54
C ASP B 308 22.77 -12.42 -14.04
N ILE B 309 23.85 -13.13 -13.76
CA ILE B 309 25.14 -12.76 -14.34
C ILE B 309 25.10 -13.04 -15.84
N ASP B 310 24.27 -14.01 -16.22
CA ASP B 310 24.08 -14.31 -17.62
C ASP B 310 22.85 -13.61 -18.15
N GLU B 311 23.07 -12.69 -19.08
CA GLU B 311 22.01 -11.83 -19.60
C GLU B 311 20.93 -12.65 -20.31
N ALA B 312 21.35 -13.65 -21.08
CA ALA B 312 20.40 -14.46 -21.87
C ALA B 312 19.51 -15.29 -20.95
N ARG B 313 20.09 -15.84 -19.89
CA ARG B 313 19.34 -16.67 -18.95
C ARG B 313 18.31 -15.81 -18.21
N ARG B 314 18.68 -14.58 -17.89
CA ARG B 314 17.75 -13.63 -17.27
C ARG B 314 16.61 -13.29 -18.22
N ASN B 315 16.94 -13.11 -19.50
CA ASN B 315 15.94 -12.77 -20.50
C ASN B 315 14.90 -13.89 -20.68
N THR B 316 15.36 -15.12 -20.56
CA THR B 316 14.47 -16.28 -20.62
C THR B 316 13.45 -16.24 -19.47
N VAL B 317 13.91 -15.90 -18.27
CA VAL B 317 12.98 -15.71 -17.14
C VAL B 317 11.95 -14.62 -17.47
N ILE B 318 12.39 -13.50 -18.02
CA ILE B 318 11.48 -12.41 -18.37
C ILE B 318 10.44 -12.84 -19.41
N LYS B 319 10.88 -13.56 -20.44
CA LYS B 319 9.95 -14.03 -21.45
C LYS B 319 8.90 -14.98 -20.86
N LYS B 320 9.33 -15.86 -19.96
CA LYS B 320 8.42 -16.78 -19.29
C LYS B 320 7.43 -16.05 -18.39
N ILE B 321 7.90 -15.01 -17.71
CA ILE B 321 7.01 -14.20 -16.87
C ILE B 321 5.91 -13.56 -17.71
N GLN B 322 6.27 -13.05 -18.88
CA GLN B 322 5.29 -12.45 -19.79
C GLN B 322 4.28 -13.50 -20.27
N GLU B 323 4.76 -14.70 -20.57
CA GLU B 323 3.88 -15.80 -20.99
C GLU B 323 2.90 -16.18 -19.88
N SER B 324 3.42 -16.29 -18.66
CA SER B 324 2.60 -16.60 -17.50
C SER B 324 1.58 -15.51 -17.21
N ALA B 325 1.97 -14.25 -17.39
CA ALA B 325 1.04 -13.15 -17.17
C ALA B 325 -0.12 -13.22 -18.16
N ASN B 326 0.15 -13.61 -19.40
CA ASN B 326 -0.94 -13.76 -20.37
C ASN B 326 -1.82 -14.97 -20.10
N THR B 327 -1.20 -16.09 -19.75
CA THR B 327 -1.92 -17.30 -19.39
C THR B 327 -2.82 -17.08 -18.16
N ILE B 328 -2.28 -16.40 -17.15
CA ILE B 328 -3.04 -16.12 -15.95
C ILE B 328 -4.21 -15.19 -16.24
N ALA B 329 -3.96 -14.14 -17.02
CA ALA B 329 -5.03 -13.21 -17.38
C ALA B 329 -6.20 -13.94 -18.07
N LYS B 330 -5.88 -14.83 -19.01
CA LYS B 330 -6.92 -15.57 -19.71
C LYS B 330 -7.69 -16.50 -18.79
N LYS B 331 -6.98 -17.24 -17.95
CA LYS B 331 -7.64 -18.16 -17.01
C LYS B 331 -8.47 -17.41 -15.99
N ARG B 332 -7.97 -16.28 -15.51
CA ARG B 332 -8.69 -15.49 -14.51
C ARG B 332 -9.75 -14.59 -15.13
N LYS B 333 -9.76 -14.50 -16.44
CA LYS B 333 -10.68 -13.62 -17.16
C LYS B 333 -10.47 -12.15 -16.78
N VAL B 334 -9.23 -11.77 -16.50
CA VAL B 334 -8.88 -10.37 -16.32
C VAL B 334 -8.09 -9.86 -17.50
N LYS B 335 -8.03 -8.55 -17.65
CA LYS B 335 -7.20 -7.93 -18.68
C LYS B 335 -5.77 -7.74 -18.17
N LEU B 336 -4.80 -8.14 -18.98
CA LEU B 336 -3.42 -7.78 -18.70
C LEU B 336 -3.25 -6.36 -19.25
N SER B 337 -3.48 -5.38 -18.39
CA SER B 337 -3.61 -3.99 -18.84
C SER B 337 -2.27 -3.29 -18.96
N GLU B 338 -1.25 -3.86 -18.33
CA GLU B 338 0.10 -3.35 -18.50
C GLU B 338 1.12 -4.46 -18.32
N PHE B 339 2.06 -4.54 -19.24
CA PHE B 339 3.26 -5.34 -19.02
C PHE B 339 4.40 -4.53 -19.62
N LYS B 340 5.17 -3.89 -18.74
CA LYS B 340 6.19 -2.97 -19.21
C LYS B 340 7.56 -3.35 -18.68
N ILE B 341 8.53 -3.48 -19.57
CA ILE B 341 9.91 -3.67 -19.12
C ILE B 341 10.48 -2.27 -18.85
N VAL B 342 10.66 -1.95 -17.57
CA VAL B 342 11.15 -0.62 -17.20
C VAL B 342 12.63 -0.46 -17.53
N ASN B 343 13.41 -1.48 -17.22
CA ASN B 343 14.80 -1.49 -17.65
C ASN B 343 15.26 -2.92 -17.84
N GLN B 344 16.22 -3.09 -18.73
CA GLN B 344 16.75 -4.40 -19.04
C GLN B 344 18.18 -4.14 -19.51
N ASP B 345 19.13 -4.20 -18.58
CA ASP B 345 20.47 -3.71 -18.82
C ASP B 345 21.45 -4.85 -18.88
N PRO B 346 22.52 -4.67 -19.66
CA PRO B 346 23.59 -5.68 -19.74
C PRO B 346 24.48 -5.66 -18.50
N PRO B 347 25.23 -6.74 -18.27
CA PRO B 347 26.23 -6.74 -17.20
C PRO B 347 27.40 -5.86 -17.61
N ALA B 348 28.28 -5.49 -16.67
CA ALA B 348 29.51 -4.78 -17.01
C ALA B 348 30.72 -5.53 -16.46
N LEU B 349 31.84 -5.42 -17.17
CA LEU B 349 33.09 -6.02 -16.71
C LEU B 349 34.00 -4.93 -16.13
N SER B 350 34.61 -5.21 -14.99
CA SER B 350 35.63 -4.33 -14.45
C SER B 350 36.86 -4.39 -15.33
N ASP B 351 37.60 -3.29 -15.39
CA ASP B 351 38.79 -3.18 -16.23
C ASP B 351 39.94 -4.03 -15.65
N LYS B 352 40.63 -4.77 -16.50
CA LYS B 352 41.64 -5.71 -16.04
C LYS B 352 42.81 -5.05 -15.33
N LEU B 353 43.22 -3.87 -15.79
CA LEU B 353 44.31 -3.17 -15.12
C LEU B 353 43.87 -2.58 -13.78
N VAL B 354 42.61 -2.14 -13.70
CA VAL B 354 42.05 -1.66 -12.43
C VAL B 354 42.03 -2.79 -11.40
N ILE B 355 41.55 -3.96 -11.82
CA ILE B 355 41.53 -5.14 -10.96
C ILE B 355 42.93 -5.47 -10.45
N LYS B 356 43.92 -5.38 -11.33
CA LYS B 356 45.28 -5.71 -10.97
C LYS B 356 45.83 -4.71 -9.94
N LYS B 357 45.55 -3.42 -10.14
CA LYS B 357 46.00 -2.41 -9.18
C LYS B 357 45.30 -2.54 -7.82
N MET B 358 44.00 -2.85 -7.84
CA MET B 358 43.26 -3.06 -6.60
C MET B 358 43.80 -4.24 -5.82
N ALA B 359 44.09 -5.32 -6.53
CA ALA B 359 44.61 -6.53 -5.88
C ALA B 359 46.01 -6.26 -5.32
N GLU B 360 46.81 -5.47 -6.03
CA GLU B 360 48.13 -5.06 -5.54
C GLU B 360 47.99 -4.25 -4.27
N ALA B 361 47.04 -3.32 -4.28
CA ALA B 361 46.78 -2.44 -3.14
C ALA B 361 46.46 -3.25 -1.90
N ALA B 362 45.52 -4.17 -2.03
CA ALA B 362 45.15 -5.04 -0.91
C ALA B 362 46.36 -5.81 -0.40
N THR B 363 47.15 -6.36 -1.31
CA THR B 363 48.32 -7.14 -0.93
C THR B 363 49.35 -6.29 -0.17
N GLU B 364 49.60 -5.08 -0.66
CA GLU B 364 50.56 -4.20 -0.01
C GLU B 364 50.07 -3.76 1.37
N LEU B 365 48.76 -3.80 1.58
CA LEU B 365 48.16 -3.41 2.85
C LEU B 365 47.95 -4.62 3.78
N ASN B 366 48.47 -5.78 3.36
CA ASN B 366 48.37 -7.02 4.14
C ASN B 366 46.93 -7.48 4.32
N LEU B 367 46.11 -7.21 3.31
CA LEU B 367 44.69 -7.49 3.39
C LEU B 367 44.38 -8.67 2.48
N SER B 368 43.70 -9.68 3.00
CA SER B 368 43.35 -10.82 2.18
C SER B 368 42.21 -10.42 1.25
N HIS B 369 42.11 -11.10 0.12
CA HIS B 369 41.10 -10.71 -0.85
C HIS B 369 40.75 -11.85 -1.80
N LYS B 370 39.63 -11.67 -2.50
CA LYS B 370 39.29 -12.54 -3.62
C LYS B 370 38.67 -11.68 -4.72
N MET B 371 38.78 -12.16 -5.95
CA MET B 371 38.07 -11.58 -7.07
C MET B 371 36.67 -12.16 -7.06
N MET B 372 35.66 -11.32 -7.22
CA MET B 372 34.27 -11.79 -7.15
C MET B 372 33.32 -10.90 -7.95
N ILE B 373 32.15 -11.44 -8.28
CA ILE B 373 31.15 -10.69 -9.03
C ILE B 373 30.21 -9.97 -8.08
N SER B 374 29.74 -8.79 -8.47
CA SER B 374 28.70 -8.08 -7.71
C SER B 374 27.33 -8.54 -8.19
N ARG B 375 26.49 -8.97 -7.25
CA ARG B 375 25.11 -9.38 -7.60
C ARG B 375 24.19 -8.17 -7.68
N ALA B 376 24.41 -7.19 -6.79
CA ALA B 376 23.67 -5.94 -6.84
C ALA B 376 24.18 -5.08 -8.00
N TYR B 377 23.39 -4.11 -8.43
CA TYR B 377 23.89 -3.13 -9.41
C TYR B 377 24.32 -1.87 -8.67
N HIS B 378 25.07 -1.04 -9.38
CA HIS B 378 25.69 0.14 -8.77
C HIS B 378 25.86 1.16 -9.85
N ASP B 379 26.16 2.40 -9.45
CA ASP B 379 26.53 3.41 -10.43
C ASP B 379 27.72 2.98 -11.30
N SER B 380 28.57 2.13 -10.75
CA SER B 380 29.72 1.60 -11.48
C SER B 380 29.30 0.91 -12.78
N LEU B 381 28.07 0.39 -12.79
CA LEU B 381 27.57 -0.33 -13.95
C LEU B 381 27.51 0.60 -15.15
N PHE B 382 27.09 1.84 -14.92
CA PHE B 382 26.95 2.80 -16.00
C PHE B 382 28.21 3.63 -16.22
N MET B 383 28.97 3.85 -15.15
CA MET B 383 30.26 4.53 -15.30
C MET B 383 31.20 3.71 -16.18
N ALA B 384 31.01 2.39 -16.19
CA ALA B 384 31.84 1.52 -17.02
C ALA B 384 31.70 1.82 -18.52
N ARG B 385 30.62 2.50 -18.90
CA ARG B 385 30.42 2.88 -20.30
C ARG B 385 31.29 4.08 -20.69
N ILE B 386 31.74 4.81 -19.68
CA ILE B 386 32.46 6.08 -19.83
C ILE B 386 33.94 5.89 -19.62
N SER B 387 34.29 4.99 -18.70
CA SER B 387 35.69 4.79 -18.40
C SER B 387 35.95 3.41 -17.78
N PRO B 388 37.22 2.98 -17.77
CA PRO B 388 37.58 1.76 -17.04
C PRO B 388 37.06 1.83 -15.60
N MET B 389 36.49 0.73 -15.12
CA MET B 389 35.77 0.72 -13.86
C MET B 389 36.29 -0.41 -12.97
N GLY B 390 36.18 -0.22 -11.66
CA GLY B 390 36.41 -1.31 -10.72
C GLY B 390 35.63 -1.03 -9.45
N MET B 391 35.37 -2.06 -8.65
CA MET B 391 34.74 -1.85 -7.34
C MET B 391 35.53 -2.53 -6.24
N ILE B 392 35.48 -1.92 -5.05
CA ILE B 392 36.07 -2.52 -3.85
C ILE B 392 34.94 -2.91 -2.92
N PHE B 393 34.85 -4.18 -2.59
CA PHE B 393 33.86 -4.66 -1.63
C PHE B 393 34.49 -4.83 -0.24
N ILE B 394 33.76 -4.43 0.79
CA ILE B 394 34.14 -4.76 2.17
C ILE B 394 33.09 -5.70 2.75
N PRO B 395 33.46 -6.49 3.76
CA PRO B 395 32.49 -7.44 4.34
C PRO B 395 31.35 -6.72 5.04
N CYS B 396 30.20 -7.37 5.09
CA CYS B 396 29.12 -6.86 5.91
C CYS B 396 28.46 -7.99 6.67
N TYR B 397 27.94 -7.65 7.84
CA TYR B 397 27.41 -8.62 8.78
C TYR B 397 26.30 -9.47 8.19
N LYS B 398 26.52 -10.78 8.12
CA LYS B 398 25.55 -11.75 7.60
C LYS B 398 25.12 -11.45 6.16
N GLY B 399 25.85 -10.55 5.50
CA GLY B 399 25.47 -10.11 4.18
C GLY B 399 24.24 -9.24 4.08
N TYR B 400 23.65 -8.89 5.23
CA TYR B 400 22.43 -8.07 5.24
C TYR B 400 22.59 -6.74 4.49
N SER B 401 21.61 -6.38 3.68
CA SER B 401 21.50 -5.04 3.11
C SER B 401 20.04 -4.78 2.76
N HIS B 402 19.68 -3.51 2.54
CA HIS B 402 18.29 -3.08 2.32
C HIS B 402 17.42 -3.42 3.51
N LYS B 403 18.01 -3.34 4.71
CA LYS B 403 17.28 -3.55 5.94
C LYS B 403 18.11 -2.95 7.06
N PRO B 404 17.49 -2.59 8.18
CA PRO B 404 18.24 -1.88 9.20
C PRO B 404 19.31 -2.72 9.91
N GLU B 405 19.31 -4.04 9.72
CA GLU B 405 20.33 -4.87 10.35
C GLU B 405 21.65 -4.80 9.60
N GLU B 406 21.66 -4.11 8.46
CA GLU B 406 22.87 -3.89 7.67
C GLU B 406 23.99 -3.30 8.53
N TYR B 407 25.18 -3.87 8.43
CA TYR B 407 26.26 -3.43 9.30
C TYR B 407 27.63 -3.76 8.72
N SER B 408 28.52 -2.79 8.72
CA SER B 408 29.92 -3.05 8.41
C SER B 408 30.74 -2.39 9.53
N SER B 409 31.70 -3.11 10.08
CA SER B 409 32.46 -2.62 11.23
C SER B 409 33.33 -1.43 10.85
N PRO B 410 33.67 -0.58 11.84
CA PRO B 410 34.60 0.52 11.56
C PRO B 410 35.91 0.05 10.94
N GLU B 411 36.43 -1.11 11.36
CA GLU B 411 37.68 -1.62 10.81
C GLU B 411 37.52 -2.04 9.35
N ASP B 412 36.40 -2.67 9.03
CA ASP B 412 36.15 -3.08 7.64
C ASP B 412 36.05 -1.87 6.74
N MET B 413 35.35 -0.84 7.22
CA MET B 413 35.23 0.40 6.48
C MET B 413 36.59 1.05 6.26
N ALA B 414 37.42 1.09 7.30
CA ALA B 414 38.79 1.63 7.18
C ALA B 414 39.66 0.83 6.21
N ASN B 415 39.56 -0.50 6.24
CA ASN B 415 40.29 -1.30 5.25
C ASN B 415 39.89 -0.94 3.83
N GLY B 416 38.58 -0.84 3.58
CA GLY B 416 38.11 -0.43 2.26
C GLY B 416 38.61 0.95 1.86
N VAL B 417 38.62 1.88 2.81
CA VAL B 417 39.11 3.23 2.55
C VAL B 417 40.61 3.23 2.23
N LYS B 418 41.40 2.41 2.93
CA LYS B 418 42.82 2.32 2.64
C LYS B 418 43.05 1.74 1.25
N VAL B 419 42.31 0.69 0.89
CA VAL B 419 42.41 0.13 -0.47
C VAL B 419 42.00 1.14 -1.54
N LEU B 420 40.92 1.88 -1.27
CA LEU B 420 40.53 2.96 -2.17
C LEU B 420 41.63 4.02 -2.33
N SER B 421 42.17 4.51 -1.21
CA SER B 421 43.25 5.49 -1.25
C SER B 421 44.43 5.01 -2.07
N LEU B 422 44.86 3.78 -1.81
CA LEU B 422 46.06 3.26 -2.48
C LEU B 422 45.81 2.99 -3.97
N THR B 423 44.59 2.55 -4.32
CA THR B 423 44.25 2.35 -5.72
C THR B 423 44.13 3.68 -6.47
N LEU B 424 43.51 4.67 -5.84
CA LEU B 424 43.48 6.02 -6.39
C LEU B 424 44.89 6.54 -6.66
N ALA B 425 45.78 6.34 -5.68
CA ALA B 425 47.17 6.78 -5.83
C ALA B 425 47.89 6.08 -7.00
N LYS B 426 47.76 4.76 -7.10
CA LYS B 426 48.34 4.02 -8.22
C LYS B 426 47.82 4.48 -9.58
N LEU B 427 46.51 4.71 -9.68
CA LEU B 427 45.93 5.14 -10.96
C LEU B 427 46.31 6.58 -11.29
N SER B 428 46.46 7.41 -10.27
CA SER B 428 46.79 8.82 -10.47
C SER B 428 48.20 8.96 -11.01
N LEU B 429 49.09 8.08 -10.54
CA LEU B 429 50.47 8.03 -11.02
C LEU B 429 50.70 6.89 -12.01
N ASP B 430 49.88 6.83 -13.07
CA ASP B 430 49.98 5.75 -14.04
C ASP B 430 51.33 5.72 -14.77
#